data_4U8C
# 
_entry.id   4U8C 
# 
_audit_conform.dict_name       mmcif_pdbx.dic 
_audit_conform.dict_version    5.379 
_audit_conform.dict_location   http://mmcif.pdb.org/dictionaries/ascii/mmcif_pdbx.dic 
# 
loop_
_database_2.database_id 
_database_2.database_code 
_database_2.pdbx_database_accession 
_database_2.pdbx_DOI 
PDB   4U8C         pdb_00004u8c 10.2210/pdb4u8c/pdb 
WWPDB D_1000202985 ?            ?                   
# 
loop_
_pdbx_database_related.content_type 
_pdbx_database_related.db_id 
_pdbx_database_related.db_name 
_pdbx_database_related.details 
unspecified 4U8A PDB . 
unspecified 4U8B PDB . 
# 
_pdbx_database_status.status_code                     REL 
_pdbx_database_status.status_code_sf                  REL 
_pdbx_database_status.status_code_mr                  ? 
_pdbx_database_status.entry_id                        4U8C 
_pdbx_database_status.recvd_initial_deposition_date   2014-08-01 
_pdbx_database_status.SG_entry                        N 
_pdbx_database_status.deposit_site                    RCSB 
_pdbx_database_status.process_site                    RCSB 
_pdbx_database_status.status_code_cs                  ? 
_pdbx_database_status.methods_development_category    ? 
_pdbx_database_status.pdb_format_compatible           Y 
_pdbx_database_status.status_code_nmr_data            ? 
# 
loop_
_audit_author.name 
_audit_author.pdbx_ordinal 
'Zhu, W.'      1 
'Oldfield, E.' 2 
# 
_citation.abstract                  ? 
_citation.abstract_id_CAS           ? 
_citation.book_id_ISBN              ? 
_citation.book_publisher            ? 
_citation.book_publisher_city       ? 
_citation.book_title                ? 
_citation.coordinate_linkage        ? 
_citation.country                   US 
_citation.database_id_Medline       ? 
_citation.details                   ? 
_citation.id                        primary 
_citation.journal_abbrev            J.Med.Chem. 
_citation.journal_id_ASTM           JMCMAR 
_citation.journal_id_CSD            0151 
_citation.journal_id_ISSN           0022-2623 
_citation.journal_full              ? 
_citation.journal_issue             ? 
_citation.journal_volume            58 
_citation.language                  ? 
_citation.page_first                1215 
_citation.page_last                 1227 
_citation.title                     'Antibacterial drug leads: DNA and enzyme multitargeting.' 
_citation.year                      2015 
_citation.database_id_CSD           ? 
_citation.pdbx_database_id_DOI      10.1021/jm501449u 
_citation.pdbx_database_id_PubMed   25574764 
_citation.unpublished_flag          ? 
# 
loop_
_citation_author.citation_id 
_citation_author.name 
_citation_author.ordinal 
_citation_author.identifier_ORCID 
primary 'Zhu, W.'      1  ? 
primary 'Wang, Y.'     2  ? 
primary 'Li, K.'       3  ? 
primary 'Gao, J.'      4  ? 
primary 'Huang, C.H.'  5  ? 
primary 'Chen, C.C.'   6  ? 
primary 'Ko, T.P.'     7  ? 
primary 'Zhang, Y.'    8  ? 
primary 'Guo, R.T.'    9  ? 
primary 'Oldfield, E.' 10 ? 
# 
_cell.length_a           24.793 
_cell.length_b           39.948 
_cell.length_c           65.786 
_cell.angle_alpha        90.000 
_cell.angle_beta         90.000 
_cell.angle_gamma        90.000 
_cell.entry_id           4U8C 
_cell.Z_PDB              8 
_cell.pdbx_unique_axis   ? 
# 
_symmetry.entry_id                         4U8C 
_symmetry.cell_setting                     ? 
_symmetry.Int_Tables_number                19 
_symmetry.space_group_name_Hall            ? 
_symmetry.space_group_name_H-M             'P 21 21 21' 
_symmetry.pdbx_full_space_group_name_H-M   ? 
# 
loop_
_entity.id 
_entity.type 
_entity.src_method 
_entity.pdbx_description 
_entity.formula_weight 
_entity.pdbx_number_of_molecules 
_entity.pdbx_ec 
_entity.pdbx_mutation 
_entity.pdbx_fragment 
_entity.details 
1 polymer     syn 
;DNA (5'-D(*CP*GP*CP*GP*AP*AP*TP*TP*CP*GP*CP*G)-3')
;
3663.392 2  ? ? ? ? 
2 non-polymer syn 'MAGNESIUM ION'                                                            24.305   1  ? ? ? ? 
3 non-polymer syn "2,2'-benzene-1,4-diylbis[6-(1,4,5,6-tetrahydropyrimidin-2-yl)-1H-indole]" 472.584  1  ? ? ? ? 
4 water       nat water                                                                      18.015   47 ? ? ? ? 
# 
_entity_poly.entity_id                      1 
_entity_poly.type                           polydeoxyribonucleotide 
_entity_poly.nstd_linkage                   no 
_entity_poly.nstd_monomer                   no 
_entity_poly.pdbx_seq_one_letter_code       '(DC)(DG)(DC)(DG)(DA)(DA)(DT)(DT)(DC)(DG)(DC)(DG)' 
_entity_poly.pdbx_seq_one_letter_code_can   CGCGAATTCGCG 
_entity_poly.pdbx_strand_id                 A,B 
_entity_poly.pdbx_target_identifier         ? 
# 
loop_
_entity_poly_seq.entity_id 
_entity_poly_seq.num 
_entity_poly_seq.mon_id 
_entity_poly_seq.hetero 
1 1  DC n 
1 2  DG n 
1 3  DC n 
1 4  DG n 
1 5  DA n 
1 6  DA n 
1 7  DT n 
1 8  DT n 
1 9  DC n 
1 10 DG n 
1 11 DC n 
1 12 DG n 
# 
_pdbx_entity_src_syn.entity_id              1 
_pdbx_entity_src_syn.pdbx_src_id            1 
_pdbx_entity_src_syn.pdbx_alt_source_flag   sample 
_pdbx_entity_src_syn.pdbx_beg_seq_num       1 
_pdbx_entity_src_syn.pdbx_end_seq_num       12 
_pdbx_entity_src_syn.organism_scientific    'synthetic construct' 
_pdbx_entity_src_syn.organism_common_name   ? 
_pdbx_entity_src_syn.ncbi_taxonomy_id       32630 
_pdbx_entity_src_syn.details                ? 
# 
_struct_ref.id                         1 
_struct_ref.db_name                    PDB 
_struct_ref.db_code                    4U8C 
_struct_ref.pdbx_db_accession          4U8C 
_struct_ref.entity_id                  1 
_struct_ref.pdbx_seq_one_letter_code   ? 
_struct_ref.pdbx_align_begin           1 
_struct_ref.pdbx_db_isoform            ? 
# 
loop_
_struct_ref_seq.align_id 
_struct_ref_seq.ref_id 
_struct_ref_seq.pdbx_PDB_id_code 
_struct_ref_seq.pdbx_strand_id 
_struct_ref_seq.seq_align_beg 
_struct_ref_seq.pdbx_seq_align_beg_ins_code 
_struct_ref_seq.seq_align_end 
_struct_ref_seq.pdbx_seq_align_end_ins_code 
_struct_ref_seq.pdbx_db_accession 
_struct_ref_seq.db_align_beg 
_struct_ref_seq.pdbx_db_align_beg_ins_code 
_struct_ref_seq.db_align_end 
_struct_ref_seq.pdbx_db_align_end_ins_code 
_struct_ref_seq.pdbx_auth_seq_align_beg 
_struct_ref_seq.pdbx_auth_seq_align_end 
1 1 4U8C A 1 ? 12 ? 4U8C 1  ? 12 ? 1  12 
2 1 4U8C B 1 ? 12 ? 4U8C 13 ? 24 ? 13 24 
# 
loop_
_chem_comp.id 
_chem_comp.type 
_chem_comp.mon_nstd_flag 
_chem_comp.name 
_chem_comp.pdbx_synonyms 
_chem_comp.formula 
_chem_comp.formula_weight 
3F6 non-polymer   . "2,2'-benzene-1,4-diylbis[6-(1,4,5,6-tetrahydropyrimidin-2-yl)-1H-indole]" ? 'C30 H28 N6'      472.584 
DA  'DNA linking' y "2'-DEOXYADENOSINE-5'-MONOPHOSPHATE"                                       ? 'C10 H14 N5 O6 P' 331.222 
DC  'DNA linking' y "2'-DEOXYCYTIDINE-5'-MONOPHOSPHATE"                                        ? 'C9 H14 N3 O7 P'  307.197 
DG  'DNA linking' y "2'-DEOXYGUANOSINE-5'-MONOPHOSPHATE"                                       ? 'C10 H14 N5 O7 P' 347.221 
DT  'DNA linking' y "THYMIDINE-5'-MONOPHOSPHATE"                                               ? 'C10 H15 N2 O8 P' 322.208 
HOH non-polymer   . WATER                                                                      ? 'H2 O'            18.015  
MG  non-polymer   . 'MAGNESIUM ION'                                                            ? 'Mg 2'            24.305  
# 
_exptl.absorpt_coefficient_mu     ? 
_exptl.absorpt_correction_T_max   ? 
_exptl.absorpt_correction_T_min   ? 
_exptl.absorpt_correction_type    ? 
_exptl.absorpt_process_details    ? 
_exptl.entry_id                   4U8C 
_exptl.crystals_number            1 
_exptl.details                    ? 
_exptl.method                     'X-RAY DIFFRACTION' 
_exptl.method_details             ? 
# 
_exptl_crystal.colour                      ? 
_exptl_crystal.density_diffrn              ? 
_exptl_crystal.density_Matthews            2.22 
_exptl_crystal.density_method              ? 
_exptl_crystal.density_percent_sol         44.68 
_exptl_crystal.description                 ? 
_exptl_crystal.F_000                       ? 
_exptl_crystal.id                          1 
_exptl_crystal.preparation                 ? 
_exptl_crystal.size_max                    ? 
_exptl_crystal.size_mid                    ? 
_exptl_crystal.size_min                    ? 
_exptl_crystal.size_rad                    ? 
_exptl_crystal.colour_lustre               ? 
_exptl_crystal.colour_modifier             ? 
_exptl_crystal.colour_primary              ? 
_exptl_crystal.density_meas                ? 
_exptl_crystal.density_meas_esd            ? 
_exptl_crystal.density_meas_gt             ? 
_exptl_crystal.density_meas_lt             ? 
_exptl_crystal.density_meas_temp           ? 
_exptl_crystal.density_meas_temp_esd       ? 
_exptl_crystal.density_meas_temp_gt        ? 
_exptl_crystal.density_meas_temp_lt        ? 
_exptl_crystal.pdbx_crystal_image_url      ? 
_exptl_crystal.pdbx_crystal_image_format   ? 
_exptl_crystal.pdbx_mosaicity              ? 
_exptl_crystal.pdbx_mosaicity_esd          ? 
# 
_exptl_crystal_grow.apparatus       ? 
_exptl_crystal_grow.atmosphere      ? 
_exptl_crystal_grow.crystal_id      1 
_exptl_crystal_grow.details         ? 
_exptl_crystal_grow.method          EVAPORATION 
_exptl_crystal_grow.method_ref      ? 
_exptl_crystal_grow.pH              6.9 
_exptl_crystal_grow.pressure        ? 
_exptl_crystal_grow.pressure_esd    ? 
_exptl_crystal_grow.seeding         ? 
_exptl_crystal_grow.seeding_ref     ? 
_exptl_crystal_grow.temp            298 
_exptl_crystal_grow.temp_details    ? 
_exptl_crystal_grow.temp_esd        ? 
_exptl_crystal_grow.time            ? 
_exptl_crystal_grow.pdbx_details    '40 mM sodium cacodylate, pH 6.9, 50 mM Mg(OAc)2, 6 mM spermine-4HCl, 40% MPD' 
_exptl_crystal_grow.pdbx_pH_range   ? 
# 
_diffrn.ambient_environment    ? 
_diffrn.ambient_temp           100 
_diffrn.ambient_temp_details   ? 
_diffrn.ambient_temp_esd       ? 
_diffrn.crystal_id             1 
_diffrn.crystal_support        ? 
_diffrn.crystal_treatment      ? 
_diffrn.details                ? 
_diffrn.id                     1 
_diffrn.ambient_pressure       ? 
_diffrn.ambient_pressure_esd   ? 
_diffrn.ambient_pressure_gt    ? 
_diffrn.ambient_pressure_lt    ? 
_diffrn.ambient_temp_gt        ? 
_diffrn.ambient_temp_lt        ? 
# 
_diffrn_detector.details                      ? 
_diffrn_detector.detector                     CCD 
_diffrn_detector.diffrn_id                    1 
_diffrn_detector.type                         'MARMOSAIC 300 mm CCD' 
_diffrn_detector.area_resol_mean              ? 
_diffrn_detector.dtime                        ? 
_diffrn_detector.pdbx_frames_total            ? 
_diffrn_detector.pdbx_collection_time_total   ? 
_diffrn_detector.pdbx_collection_date         2013-10-17 
# 
_diffrn_radiation.collimation                      ? 
_diffrn_radiation.diffrn_id                        1 
_diffrn_radiation.filter_edge                      ? 
_diffrn_radiation.inhomogeneity                    ? 
_diffrn_radiation.monochromator                    'Si(111)' 
_diffrn_radiation.polarisn_norm                    ? 
_diffrn_radiation.polarisn_ratio                   ? 
_diffrn_radiation.probe                            ? 
_diffrn_radiation.type                             ? 
_diffrn_radiation.xray_symbol                      ? 
_diffrn_radiation.wavelength_id                    1 
_diffrn_radiation.pdbx_monochromatic_or_laue_m_l   M 
_diffrn_radiation.pdbx_wavelength_list             ? 
_diffrn_radiation.pdbx_wavelength                  ? 
_diffrn_radiation.pdbx_diffrn_protocol             'SINGLE WAVELENGTH' 
_diffrn_radiation.pdbx_analyzer                    ? 
_diffrn_radiation.pdbx_scattering_type             x-ray 
# 
_diffrn_radiation_wavelength.id           1 
_diffrn_radiation_wavelength.wavelength   0.97857 
_diffrn_radiation_wavelength.wt           1.0 
# 
_diffrn_source.current                     ? 
_diffrn_source.details                     ? 
_diffrn_source.diffrn_id                   1 
_diffrn_source.power                       ? 
_diffrn_source.size                        ? 
_diffrn_source.source                      SYNCHROTRON 
_diffrn_source.target                      ? 
_diffrn_source.type                        'APS BEAMLINE 21-ID-D' 
_diffrn_source.voltage                     ? 
_diffrn_source.take-off_angle              ? 
_diffrn_source.pdbx_wavelength_list        0.97857 
_diffrn_source.pdbx_wavelength             ? 
_diffrn_source.pdbx_synchrotron_beamline   21-ID-D 
_diffrn_source.pdbx_synchrotron_site       APS 
# 
_reflns.B_iso_Wilson_estimate            ? 
_reflns.entry_id                         4U8C 
_reflns.data_reduction_details           ? 
_reflns.data_reduction_method            ? 
_reflns.d_resolution_high                1.240 
_reflns.d_resolution_low                 50.000 
_reflns.details                          ? 
_reflns.limit_h_max                      ? 
_reflns.limit_h_min                      ? 
_reflns.limit_k_max                      ? 
_reflns.limit_k_min                      ? 
_reflns.limit_l_max                      ? 
_reflns.limit_l_min                      ? 
_reflns.number_all                       ? 
_reflns.number_obs                       18244 
_reflns.observed_criterion               ? 
_reflns.observed_criterion_F_max         ? 
_reflns.observed_criterion_F_min         ? 
_reflns.observed_criterion_I_max         ? 
_reflns.observed_criterion_I_min         ? 
_reflns.observed_criterion_sigma_F       ? 
_reflns.observed_criterion_sigma_I       ? 
_reflns.percent_possible_obs             95.000 
_reflns.R_free_details                   ? 
_reflns.Rmerge_F_all                     ? 
_reflns.Rmerge_F_obs                     ? 
_reflns.Friedel_coverage                 ? 
_reflns.number_gt                        ? 
_reflns.threshold_expression             ? 
_reflns.pdbx_redundancy                  13.800 
_reflns.pdbx_Rmerge_I_obs                0.068 
_reflns.pdbx_Rmerge_I_all                ? 
_reflns.pdbx_Rsym_value                  ? 
_reflns.pdbx_netI_over_av_sigmaI         35.586 
_reflns.pdbx_netI_over_sigmaI            11.900 
_reflns.pdbx_res_netI_over_av_sigmaI_2   ? 
_reflns.pdbx_res_netI_over_sigmaI_2      ? 
_reflns.pdbx_chi_squared                 1.023 
_reflns.pdbx_scaling_rejects             ? 
_reflns.pdbx_d_res_high_opt              ? 
_reflns.pdbx_d_res_low_opt               ? 
_reflns.pdbx_d_res_opt_method            ? 
_reflns.phase_calculation_details        ? 
_reflns.pdbx_Rrim_I_all                  ? 
_reflns.pdbx_Rpim_I_all                  ? 
_reflns.pdbx_d_opt                       ? 
_reflns.pdbx_number_measured_all         251444 
_reflns.pdbx_diffrn_id                   1 
_reflns.pdbx_ordinal                     1 
_reflns.pdbx_CC_half                     ? 
_reflns.pdbx_R_split                     ? 
# 
loop_
_reflns_shell.d_res_high 
_reflns_shell.d_res_low 
_reflns_shell.meanI_over_sigI_all 
_reflns_shell.meanI_over_sigI_obs 
_reflns_shell.number_measured_all 
_reflns_shell.number_measured_obs 
_reflns_shell.number_possible 
_reflns_shell.number_unique_all 
_reflns_shell.number_unique_obs 
_reflns_shell.percent_possible_all 
_reflns_shell.percent_possible_obs 
_reflns_shell.Rmerge_F_all 
_reflns_shell.Rmerge_F_obs 
_reflns_shell.Rmerge_I_all 
_reflns_shell.Rmerge_I_obs 
_reflns_shell.meanI_over_sigI_gt 
_reflns_shell.meanI_over_uI_all 
_reflns_shell.meanI_over_uI_gt 
_reflns_shell.number_measured_gt 
_reflns_shell.number_unique_gt 
_reflns_shell.percent_possible_gt 
_reflns_shell.Rmerge_F_gt 
_reflns_shell.Rmerge_I_gt 
_reflns_shell.pdbx_redundancy 
_reflns_shell.pdbx_Rsym_value 
_reflns_shell.pdbx_chi_squared 
_reflns_shell.pdbx_netI_over_sigmaI_all 
_reflns_shell.pdbx_netI_over_sigmaI_obs 
_reflns_shell.pdbx_Rrim_I_all 
_reflns_shell.pdbx_Rpim_I_all 
_reflns_shell.pdbx_rejects 
_reflns_shell.pdbx_ordinal 
_reflns_shell.pdbx_diffrn_id 
_reflns_shell.pdbx_CC_half 
_reflns_shell.pdbx_R_split 
1.240 1.260  ? ? ? ? ? 760 ? 83.200  ? ? ? ? 0.551 ? ? ? ? ? ? ? ? 12.100 ? 0.708 ? ? ? ? 0 1  1 ? ? 
1.260 1.280  ? ? ? ? ? 803 ? 85.500  ? ? ? ? 0.492 ? ? ? ? ? ? ? ? 12.500 ? 0.702 ? ? ? ? 0 2  1 ? ? 
1.280 1.310  ? ? ? ? ? 838 ? 88.000  ? ? ? ? 0.432 ? ? ? ? ? ? ? ? 12.700 ? 0.705 ? ? ? ? 0 3  1 ? ? 
1.310 1.340  ? ? ? ? ? 872 ? 93.900  ? ? ? ? 0.413 ? ? ? ? ? ? ? ? 13.200 ? 0.715 ? ? ? ? 0 4  1 ? ? 
1.340 1.360  ? ? ? ? ? 925 ? 97.500  ? ? ? ? 0.326 ? ? ? ? ? ? ? ? 13.200 ? 0.737 ? ? ? ? 0 5  1 ? ? 
1.360 1.400  ? ? ? ? ? 926 ? 99.100  ? ? ? ? 0.317 ? ? ? ? ? ? ? ? 13.800 ? 0.731 ? ? ? ? 0 6  1 ? ? 
1.400 1.430  ? ? ? ? ? 959 ? 100.000 ? ? ? ? 0.244 ? ? ? ? ? ? ? ? 14.500 ? 0.762 ? ? ? ? 0 7  1 ? ? 
1.430 1.470  ? ? ? ? ? 955 ? 100.000 ? ? ? ? 0.207 ? ? ? ? ? ? ? ? 14.400 ? 0.748 ? ? ? ? 0 8  1 ? ? 
1.470 1.510  ? ? ? ? ? 925 ? 100.000 ? ? ? ? 0.162 ? ? ? ? ? ? ? ? 14.600 ? 0.812 ? ? ? ? 0 9  1 ? ? 
1.510 1.560  ? ? ? ? ? 960 ? 100.000 ? ? ? ? 0.135 ? ? ? ? ? ? ? ? 14.500 ? 0.906 ? ? ? ? 0 10 1 ? ? 
1.560 1.620  ? ? ? ? ? 946 ? 100.000 ? ? ? ? 0.108 ? ? ? ? ? ? ? ? 14.500 ? 1.093 ? ? ? ? 0 11 1 ? ? 
1.620 1.680  ? ? ? ? ? 954 ? 100.000 ? ? ? ? 0.093 ? ? ? ? ? ? ? ? 14.500 ? 1.167 ? ? ? ? 0 12 1 ? ? 
1.680 1.760  ? ? ? ? ? 975 ? 100.000 ? ? ? ? 0.080 ? ? ? ? ? ? ? ? 14.500 ? 1.128 ? ? ? ? 0 13 1 ? ? 
1.760 1.850  ? ? ? ? ? 930 ? 100.000 ? ? ? ? 0.072 ? ? ? ? ? ? ? ? 14.500 ? 1.101 ? ? ? ? 0 14 1 ? ? 
1.850 1.970  ? ? ? ? ? 979 ? 99.900  ? ? ? ? 0.065 ? ? ? ? ? ? ? ? 14.400 ? 1.089 ? ? ? ? 0 15 1 ? ? 
1.970 2.120  ? ? ? ? ? 967 ? 99.800  ? ? ? ? 0.067 ? ? ? ? ? ? ? ? 14.400 ? 1.290 ? ? ? ? 0 16 1 ? ? 
2.120 2.330  ? ? ? ? ? 967 ? 100.000 ? ? ? ? 0.071 ? ? ? ? ? ? ? ? 14.200 ? 1.595 ? ? ? ? 0 17 1 ? ? 
2.330 2.670  ? ? ? ? ? 990 ? 100.000 ? ? ? ? 0.059 ? ? ? ? ? ? ? ? 14.100 ? 1.401 ? ? ? ? 0 18 1 ? ? 
2.670 3.370  ? ? ? ? ? 927 ? 92.400  ? ? ? ? 0.056 ? ? ? ? ? ? ? ? 13.300 ? 1.471 ? ? ? ? 0 19 1 ? ? 
3.370 50.000 ? ? ? ? ? 686 ? 63.400  ? ? ? ? 0.056 ? ? ? ? ? ? ? ? 10.100 ? 1.494 ? ? ? ? 0 20 1 ? ? 
# 
_refine.aniso_B[1][1]                            0.0300 
_refine.aniso_B[1][2]                            0.0000 
_refine.aniso_B[1][3]                            0.0000 
_refine.aniso_B[2][2]                            -0.0600 
_refine.aniso_B[2][3]                            0.0000 
_refine.aniso_B[3][3]                            0.0300 
_refine.B_iso_max                                43.770 
_refine.B_iso_mean                               23.7280 
_refine.B_iso_min                                14.310 
_refine.correlation_coeff_Fo_to_Fc               0.9280 
_refine.correlation_coeff_Fo_to_Fc_free          0.8940 
_refine.details                                  
'HYDROGENS HAVE BEEN USED IF PRESENT IN THE INPUT U VALUES      : REFINED INDIVIDUALLY' 
_refine.diff_density_max                         ? 
_refine.diff_density_max_esd                     ? 
_refine.diff_density_min                         ? 
_refine.diff_density_min_esd                     ? 
_refine.diff_density_rms                         ? 
_refine.diff_density_rms_esd                     ? 
_refine.entry_id                                 4U8C 
_refine.pdbx_refine_id                           'X-RAY DIFFRACTION' 
_refine.ls_abs_structure_details                 ? 
_refine.ls_abs_structure_Flack                   ? 
_refine.ls_abs_structure_Flack_esd               ? 
_refine.ls_abs_structure_Rogers                  ? 
_refine.ls_abs_structure_Rogers_esd              ? 
_refine.ls_d_res_high                            1.2400 
_refine.ls_d_res_low                             17.0700 
_refine.ls_extinction_coef                       ? 
_refine.ls_extinction_coef_esd                   ? 
_refine.ls_extinction_expression                 ? 
_refine.ls_extinction_method                     ? 
_refine.ls_goodness_of_fit_all                   ? 
_refine.ls_goodness_of_fit_all_esd               ? 
_refine.ls_goodness_of_fit_obs                   ? 
_refine.ls_goodness_of_fit_obs_esd               ? 
_refine.ls_hydrogen_treatment                    ? 
_refine.ls_matrix_type                           ? 
_refine.ls_number_constraints                    ? 
_refine.ls_number_parameters                     ? 
_refine.ls_number_reflns_all                     ? 
_refine.ls_number_reflns_obs                     18194 
_refine.ls_number_reflns_R_free                  940 
_refine.ls_number_reflns_R_work                  17254 
_refine.ls_number_restraints                     ? 
_refine.ls_percent_reflns_obs                    94.8600 
_refine.ls_percent_reflns_R_free                 5.2000 
_refine.ls_R_factor_all                          ? 
_refine.ls_R_factor_obs                          0.2789 
_refine.ls_R_factor_R_free                       0.3329 
_refine.ls_R_factor_R_free_error                 ? 
_refine.ls_R_factor_R_free_error_details         ? 
_refine.ls_R_factor_R_work                       0.2761 
_refine.ls_R_Fsqd_factor_obs                     ? 
_refine.ls_R_I_factor_obs                        ? 
_refine.ls_redundancy_reflns_all                 ? 
_refine.ls_redundancy_reflns_obs                 ? 
_refine.ls_restrained_S_all                      ? 
_refine.ls_restrained_S_obs                      ? 
_refine.ls_shift_over_esd_max                    ? 
_refine.ls_shift_over_esd_mean                   ? 
_refine.ls_structure_factor_coef                 ? 
_refine.ls_weighting_details                     ? 
_refine.ls_weighting_scheme                      ? 
_refine.ls_wR_factor_all                         ? 
_refine.ls_wR_factor_obs                         ? 
_refine.ls_wR_factor_R_free                      ? 
_refine.ls_wR_factor_R_work                      ? 
_refine.occupancy_max                            ? 
_refine.occupancy_min                            ? 
_refine.solvent_model_details                    MASK 
_refine.solvent_model_param_bsol                 ? 
_refine.solvent_model_param_ksol                 ? 
_refine.ls_R_factor_gt                           ? 
_refine.ls_goodness_of_fit_gt                    ? 
_refine.ls_goodness_of_fit_ref                   ? 
_refine.ls_shift_over_su_max                     ? 
_refine.ls_shift_over_su_max_lt                  ? 
_refine.ls_shift_over_su_mean                    ? 
_refine.ls_shift_over_su_mean_lt                 ? 
_refine.pdbx_ls_sigma_I                          ? 
_refine.pdbx_ls_sigma_F                          0.000 
_refine.pdbx_ls_sigma_Fsqd                       ? 
_refine.pdbx_data_cutoff_high_absF               ? 
_refine.pdbx_data_cutoff_high_rms_absF           ? 
_refine.pdbx_data_cutoff_low_absF                ? 
_refine.pdbx_isotropic_thermal_model             ? 
_refine.pdbx_ls_cross_valid_method               THROUGHOUT 
_refine.pdbx_method_to_determine_struct          'MOLECULAR REPLACEMENT' 
_refine.pdbx_starting_model                      436D 
_refine.pdbx_stereochemistry_target_values       'MAXIMUM LIKELIHOOD' 
_refine.pdbx_R_Free_selection_details            RANDOM 
_refine.pdbx_stereochem_target_val_spec_case     ? 
_refine.pdbx_overall_ESU_R                       0.0690 
_refine.pdbx_overall_ESU_R_Free                  0.0780 
_refine.pdbx_solvent_vdw_probe_radii             1.2000 
_refine.pdbx_solvent_ion_probe_radii             0.8000 
_refine.pdbx_solvent_shrinkage_radii             0.8000 
_refine.pdbx_real_space_R                        ? 
_refine.pdbx_density_correlation                 ? 
_refine.pdbx_pd_number_of_powder_patterns        ? 
_refine.pdbx_pd_number_of_points                 ? 
_refine.pdbx_pd_meas_number_of_points            ? 
_refine.pdbx_pd_proc_ls_prof_R_factor            ? 
_refine.pdbx_pd_proc_ls_prof_wR_factor           ? 
_refine.pdbx_pd_Marquardt_correlation_coeff      ? 
_refine.pdbx_pd_Fsqrd_R_factor                   ? 
_refine.pdbx_pd_ls_matrix_band_width             ? 
_refine.pdbx_overall_phase_error                 ? 
_refine.pdbx_overall_SU_R_free_Cruickshank_DPI   ? 
_refine.pdbx_overall_SU_R_free_Blow_DPI          ? 
_refine.pdbx_overall_SU_R_Blow_DPI               ? 
_refine.pdbx_TLS_residual_ADP_flag               ? 
_refine.pdbx_diffrn_id                           1 
_refine.overall_SU_B                             1.5730 
_refine.overall_SU_ML                            0.0640 
_refine.overall_SU_R_Cruickshank_DPI             ? 
_refine.overall_SU_R_free                        ? 
_refine.overall_FOM_free_R_set                   ? 
_refine.overall_FOM_work_R_set                   ? 
# 
_refine_hist.cycle_id                         final 
_refine_hist.pdbx_refine_id                   'X-RAY DIFFRACTION' 
_refine_hist.d_res_high                       1.2400 
_refine_hist.d_res_low                        17.0700 
_refine_hist.pdbx_number_atoms_ligand         37 
_refine_hist.number_atoms_solvent             47 
_refine_hist.number_atoms_total               570 
_refine_hist.pdbx_number_residues_total       24 
_refine_hist.pdbx_B_iso_mean_ligand           30.78 
_refine_hist.pdbx_B_iso_mean_solvent          28.12 
_refine_hist.pdbx_number_atoms_protein        0 
_refine_hist.pdbx_number_atoms_nucleic_acid   486 
# 
loop_
_refine_ls_restr.pdbx_refine_id 
_refine_ls_restr.criterion 
_refine_ls_restr.dev_ideal 
_refine_ls_restr.dev_ideal_target 
_refine_ls_restr.number 
_refine_ls_restr.rejects 
_refine_ls_restr.type 
_refine_ls_restr.weight 
_refine_ls_restr.pdbx_restraint_function 
'X-RAY DIFFRACTION' ? 0.015 0.011 586 ? r_bond_refined_d     ? ? 
'X-RAY DIFFRACTION' ? 2.328 1.464 896 ? r_angle_refined_deg  ? ? 
'X-RAY DIFFRACTION' ? 0.100 0.200 72  ? r_chiral_restr       ? ? 
'X-RAY DIFFRACTION' ? 0.029 0.020 292 ? r_gen_planes_refined ? ? 
# 
_refine_ls_shell.pdbx_refine_id                   'X-RAY DIFFRACTION' 
_refine_ls_shell.d_res_high                       1.2400 
_refine_ls_shell.d_res_low                        1.2720 
_refine_ls_shell.number_reflns_all                1024 
_refine_ls_shell.number_reflns_obs                ? 
_refine_ls_shell.number_reflns_R_free             48 
_refine_ls_shell.number_reflns_R_work             976 
_refine_ls_shell.percent_reflns_obs               81.3300 
_refine_ls_shell.percent_reflns_R_free            ? 
_refine_ls_shell.R_factor_all                     ? 
_refine_ls_shell.R_factor_obs                     ? 
_refine_ls_shell.R_factor_R_free                  0.4790 
_refine_ls_shell.R_factor_R_free_error            ? 
_refine_ls_shell.R_factor_R_work                  0.4250 
_refine_ls_shell.redundancy_reflns_all            ? 
_refine_ls_shell.redundancy_reflns_obs            ? 
_refine_ls_shell.wR_factor_all                    ? 
_refine_ls_shell.wR_factor_obs                    ? 
_refine_ls_shell.wR_factor_R_free                 ? 
_refine_ls_shell.wR_factor_R_work                 ? 
_refine_ls_shell.pdbx_total_number_of_bins_used   20 
_refine_ls_shell.pdbx_phase_error                 ? 
# 
_struct.entry_id                     4U8C 
_struct.title                        'Crystal structure of D(CGCGAATTCGCG)2 complexed with BPH-1409' 
_struct.pdbx_model_details           ? 
_struct.pdbx_formula_weight          ? 
_struct.pdbx_formula_weight_method   ? 
_struct.pdbx_model_type_details      ? 
_struct.pdbx_CASP_flag               ? 
# 
_struct_keywords.entry_id        4U8C 
_struct_keywords.text            
;Antibacterial Agents, Bisamidines, Minor Groove Binders, Models, Molecular, Nucleic Acid Conformation, Oligodeoxyribonucleotides, DNA-ANTIBIOTIC complex
;
_struct_keywords.pdbx_keywords   DNA/ANTIBIOTIC 
# 
loop_
_struct_asym.id 
_struct_asym.pdbx_blank_PDB_chainid_flag 
_struct_asym.pdbx_modified 
_struct_asym.entity_id 
_struct_asym.details 
A N N 1 ? 
B N N 1 ? 
C N N 2 ? 
D N N 3 ? 
E N N 4 ? 
F N N 4 ? 
# 
loop_
_struct_conn.id 
_struct_conn.conn_type_id 
_struct_conn.pdbx_leaving_atom_flag 
_struct_conn.pdbx_PDB_id 
_struct_conn.ptnr1_label_asym_id 
_struct_conn.ptnr1_label_comp_id 
_struct_conn.ptnr1_label_seq_id 
_struct_conn.ptnr1_label_atom_id 
_struct_conn.pdbx_ptnr1_label_alt_id 
_struct_conn.pdbx_ptnr1_PDB_ins_code 
_struct_conn.pdbx_ptnr1_standard_comp_id 
_struct_conn.ptnr1_symmetry 
_struct_conn.ptnr2_label_asym_id 
_struct_conn.ptnr2_label_comp_id 
_struct_conn.ptnr2_label_seq_id 
_struct_conn.ptnr2_label_atom_id 
_struct_conn.pdbx_ptnr2_label_alt_id 
_struct_conn.pdbx_ptnr2_PDB_ins_code 
_struct_conn.ptnr1_auth_asym_id 
_struct_conn.ptnr1_auth_comp_id 
_struct_conn.ptnr1_auth_seq_id 
_struct_conn.ptnr2_auth_asym_id 
_struct_conn.ptnr2_auth_comp_id 
_struct_conn.ptnr2_auth_seq_id 
_struct_conn.ptnr2_symmetry 
_struct_conn.pdbx_ptnr3_label_atom_id 
_struct_conn.pdbx_ptnr3_label_seq_id 
_struct_conn.pdbx_ptnr3_label_comp_id 
_struct_conn.pdbx_ptnr3_label_asym_id 
_struct_conn.pdbx_ptnr3_label_alt_id 
_struct_conn.pdbx_ptnr3_PDB_ins_code 
_struct_conn.details 
_struct_conn.pdbx_dist_value 
_struct_conn.pdbx_value_order 
_struct_conn.pdbx_role 
metalc1  metalc ? ? C MG .  MG ? ? ? 1_555 E HOH .  O  ? ? A MG 101 A HOH 203 1_555 ? ? ? ? ? ? ?            2.024 ? ? 
metalc2  metalc ? ? C MG .  MG ? ? ? 1_555 E HOH .  O  ? ? A MG 101 A HOH 206 3_655 ? ? ? ? ? ? ?            2.060 ? ? 
metalc3  metalc ? ? C MG .  MG ? ? ? 1_555 E HOH .  O  ? ? A MG 101 A HOH 207 3_655 ? ? ? ? ? ? ?            2.055 ? ? 
metalc4  metalc ? ? C MG .  MG ? ? ? 1_555 E HOH .  O  ? ? A MG 101 A HOH 210 3_655 ? ? ? ? ? ? ?            2.180 ? ? 
metalc5  metalc ? ? C MG .  MG ? ? ? 1_555 E HOH .  O  ? ? A MG 101 A HOH 211 1_555 ? ? ? ? ? ? ?            2.067 ? ? 
metalc6  metalc ? ? C MG .  MG ? ? ? 1_555 F HOH .  O  ? ? A MG 101 B HOH 102 1_555 ? ? ? ? ? ? ?            2.032 ? ? 
hydrog1  hydrog ? ? A DC 1  N3 ? ? ? 1_555 B DG  12 N1 ? ? A DC 1   B DG  24  1_555 ? ? ? ? ? ? WATSON-CRICK ?     ? ? 
hydrog2  hydrog ? ? A DC 1  N4 ? ? ? 1_555 B DG  12 O6 ? ? A DC 1   B DG  24  1_555 ? ? ? ? ? ? WATSON-CRICK ?     ? ? 
hydrog3  hydrog ? ? A DC 1  O2 ? ? ? 1_555 B DG  12 N2 ? ? A DC 1   B DG  24  1_555 ? ? ? ? ? ? WATSON-CRICK ?     ? ? 
hydrog4  hydrog ? ? A DG 2  N1 ? ? ? 1_555 B DC  11 N3 ? ? A DG 2   B DC  23  1_555 ? ? ? ? ? ? WATSON-CRICK ?     ? ? 
hydrog5  hydrog ? ? A DG 2  N2 ? ? ? 1_555 B DC  11 O2 ? ? A DG 2   B DC  23  1_555 ? ? ? ? ? ? WATSON-CRICK ?     ? ? 
hydrog6  hydrog ? ? A DG 2  O6 ? ? ? 1_555 B DC  11 N4 ? ? A DG 2   B DC  23  1_555 ? ? ? ? ? ? WATSON-CRICK ?     ? ? 
hydrog7  hydrog ? ? A DC 3  N3 ? ? ? 1_555 B DG  10 N1 ? ? A DC 3   B DG  22  1_555 ? ? ? ? ? ? WATSON-CRICK ?     ? ? 
hydrog8  hydrog ? ? A DC 3  N4 ? ? ? 1_555 B DG  10 O6 ? ? A DC 3   B DG  22  1_555 ? ? ? ? ? ? WATSON-CRICK ?     ? ? 
hydrog9  hydrog ? ? A DC 3  O2 ? ? ? 1_555 B DG  10 N2 ? ? A DC 3   B DG  22  1_555 ? ? ? ? ? ? WATSON-CRICK ?     ? ? 
hydrog10 hydrog ? ? A DG 4  N1 ? ? ? 1_555 B DC  9  N3 ? ? A DG 4   B DC  21  1_555 ? ? ? ? ? ? WATSON-CRICK ?     ? ? 
hydrog11 hydrog ? ? A DG 4  N2 ? ? ? 1_555 B DC  9  O2 ? ? A DG 4   B DC  21  1_555 ? ? ? ? ? ? WATSON-CRICK ?     ? ? 
hydrog12 hydrog ? ? A DG 4  O6 ? ? ? 1_555 B DC  9  N4 ? ? A DG 4   B DC  21  1_555 ? ? ? ? ? ? WATSON-CRICK ?     ? ? 
hydrog13 hydrog ? ? A DA 5  N1 ? ? ? 1_555 B DT  8  N3 ? ? A DA 5   B DT  20  1_555 ? ? ? ? ? ? WATSON-CRICK ?     ? ? 
hydrog14 hydrog ? ? A DA 5  N6 ? ? ? 1_555 B DT  8  O4 ? ? A DA 5   B DT  20  1_555 ? ? ? ? ? ? WATSON-CRICK ?     ? ? 
hydrog15 hydrog ? ? A DA 6  N1 ? ? ? 1_555 B DT  7  N3 ? ? A DA 6   B DT  19  1_555 ? ? ? ? ? ? WATSON-CRICK ?     ? ? 
hydrog16 hydrog ? ? A DA 6  N6 ? ? ? 1_555 B DT  7  O4 ? ? A DA 6   B DT  19  1_555 ? ? ? ? ? ? WATSON-CRICK ?     ? ? 
hydrog17 hydrog ? ? A DT 7  N3 ? ? ? 1_555 B DA  6  N1 ? ? A DT 7   B DA  18  1_555 ? ? ? ? ? ? WATSON-CRICK ?     ? ? 
hydrog18 hydrog ? ? A DT 7  O4 ? ? ? 1_555 B DA  6  N6 ? ? A DT 7   B DA  18  1_555 ? ? ? ? ? ? WATSON-CRICK ?     ? ? 
hydrog19 hydrog ? ? A DT 8  N3 ? ? ? 1_555 B DA  5  N1 ? ? A DT 8   B DA  17  1_555 ? ? ? ? ? ? WATSON-CRICK ?     ? ? 
hydrog20 hydrog ? ? A DT 8  O4 ? ? ? 1_555 B DA  5  N6 ? ? A DT 8   B DA  17  1_555 ? ? ? ? ? ? WATSON-CRICK ?     ? ? 
hydrog21 hydrog ? ? A DC 9  N3 ? ? ? 1_555 B DG  4  N1 ? ? A DC 9   B DG  16  1_555 ? ? ? ? ? ? WATSON-CRICK ?     ? ? 
hydrog22 hydrog ? ? A DC 9  N4 ? ? ? 1_555 B DG  4  O6 ? ? A DC 9   B DG  16  1_555 ? ? ? ? ? ? WATSON-CRICK ?     ? ? 
hydrog23 hydrog ? ? A DC 9  O2 ? ? ? 1_555 B DG  4  N2 ? ? A DC 9   B DG  16  1_555 ? ? ? ? ? ? WATSON-CRICK ?     ? ? 
hydrog24 hydrog ? ? A DG 10 N1 ? ? ? 1_555 B DC  3  N3 ? ? A DG 10  B DC  15  1_555 ? ? ? ? ? ? WATSON-CRICK ?     ? ? 
hydrog25 hydrog ? ? A DG 10 N2 ? ? ? 1_555 B DC  3  O2 ? ? A DG 10  B DC  15  1_555 ? ? ? ? ? ? WATSON-CRICK ?     ? ? 
hydrog26 hydrog ? ? A DG 10 O6 ? ? ? 1_555 B DC  3  N4 ? ? A DG 10  B DC  15  1_555 ? ? ? ? ? ? WATSON-CRICK ?     ? ? 
hydrog27 hydrog ? ? A DC 11 N3 ? ? ? 1_555 B DG  2  N1 ? ? A DC 11  B DG  14  1_555 ? ? ? ? ? ? WATSON-CRICK ?     ? ? 
hydrog28 hydrog ? ? A DC 11 N4 ? ? ? 1_555 B DG  2  O6 ? ? A DC 11  B DG  14  1_555 ? ? ? ? ? ? WATSON-CRICK ?     ? ? 
hydrog29 hydrog ? ? A DC 11 O2 ? ? ? 1_555 B DG  2  N2 ? ? A DC 11  B DG  14  1_555 ? ? ? ? ? ? WATSON-CRICK ?     ? ? 
hydrog30 hydrog ? ? A DG 12 N1 ? ? ? 1_555 B DC  1  N3 ? ? A DG 12  B DC  13  1_555 ? ? ? ? ? ? WATSON-CRICK ?     ? ? 
hydrog31 hydrog ? ? A DG 12 N2 ? ? ? 1_555 B DC  1  O2 ? ? A DG 12  B DC  13  1_555 ? ? ? ? ? ? WATSON-CRICK ?     ? ? 
hydrog32 hydrog ? ? A DG 12 O6 ? ? ? 1_555 B DC  1  N4 ? ? A DG 12  B DC  13  1_555 ? ? ? ? ? ? WATSON-CRICK ?     ? ? 
# 
loop_
_struct_conn_type.id 
_struct_conn_type.criteria 
_struct_conn_type.reference 
metalc ? ? 
hydrog ? ? 
# 
loop_
_struct_site.id 
_struct_site.pdbx_evidence_code 
_struct_site.pdbx_auth_asym_id 
_struct_site.pdbx_auth_comp_id 
_struct_site.pdbx_auth_seq_id 
_struct_site.pdbx_auth_ins_code 
_struct_site.pdbx_num_residues 
_struct_site.details 
AC1 Software A MG  101 ? 6  'binding site for residue MG A 101'  
AC2 Software A 3F6 102 ? 12 'binding site for residue 3F6 A 102' 
# 
loop_
_struct_site_gen.id 
_struct_site_gen.site_id 
_struct_site_gen.pdbx_num_res 
_struct_site_gen.label_comp_id 
_struct_site_gen.label_asym_id 
_struct_site_gen.label_seq_id 
_struct_site_gen.pdbx_auth_ins_code 
_struct_site_gen.auth_comp_id 
_struct_site_gen.auth_asym_id 
_struct_site_gen.auth_seq_id 
_struct_site_gen.label_atom_id 
_struct_site_gen.label_alt_id 
_struct_site_gen.symmetry 
_struct_site_gen.details 
1  AC1 6  HOH E .  ? HOH A 203 . ? 1_555 ? 
2  AC1 6  HOH E .  ? HOH A 206 . ? 3_655 ? 
3  AC1 6  HOH E .  ? HOH A 207 . ? 3_655 ? 
4  AC1 6  HOH E .  ? HOH A 210 . ? 3_655 ? 
5  AC1 6  HOH E .  ? HOH A 211 . ? 1_555 ? 
6  AC1 6  HOH F .  ? HOH B 102 . ? 1_555 ? 
7  AC2 12 DA  A 6  ? DA  A 6   . ? 1_555 ? 
8  AC2 12 DT  A 7  ? DT  A 7   . ? 1_555 ? 
9  AC2 12 DT  A 8  ? DT  A 8   . ? 1_555 ? 
10 AC2 12 DC  A 9  ? DC  A 9   . ? 1_555 ? 
11 AC2 12 DG  A 10 ? DG  A 10  . ? 1_555 ? 
12 AC2 12 DC  A 11 ? DC  A 11  . ? 1_555 ? 
13 AC2 12 DG  B 4  ? DG  B 16  . ? 1_555 ? 
14 AC2 12 DA  B 6  ? DA  B 18  . ? 1_555 ? 
15 AC2 12 DT  B 7  ? DT  B 19  . ? 1_555 ? 
16 AC2 12 DT  B 8  ? DT  B 20  . ? 1_555 ? 
17 AC2 12 DC  B 9  ? DC  B 21  . ? 1_555 ? 
18 AC2 12 DG  B 12 ? DG  B 24  . ? 2_555 ? 
# 
_atom_sites.entry_id                    4U8C 
_atom_sites.fract_transf_matrix[1][1]   0.00988324 
_atom_sites.fract_transf_matrix[1][2]   -0.03376984 
_atom_sites.fract_transf_matrix[1][3]   0.01971678 
_atom_sites.fract_transf_matrix[2][1]   0.00741178 
_atom_sites.fract_transf_matrix[2][2]   -0.01040117 
_atom_sites.fract_transf_matrix[2][3]   -0.02152980 
_atom_sites.fract_transf_matrix[3][1]   0.01403353 
_atom_sites.fract_transf_matrix[3][2]   0.00540364 
_atom_sites.fract_transf_matrix[3][3]   0.00222061 
_atom_sites.fract_transf_vector[1]      0.421967 
_atom_sites.fract_transf_vector[2]      0.017339 
_atom_sites.fract_transf_vector[3]      0.364238 
# 
loop_
_atom_type.symbol 
C  
MG 
N  
O  
P  
# 
loop_
_atom_site.group_PDB 
_atom_site.id 
_atom_site.type_symbol 
_atom_site.label_atom_id 
_atom_site.label_alt_id 
_atom_site.label_comp_id 
_atom_site.label_asym_id 
_atom_site.label_entity_id 
_atom_site.label_seq_id 
_atom_site.pdbx_PDB_ins_code 
_atom_site.Cartn_x 
_atom_site.Cartn_y 
_atom_site.Cartn_z 
_atom_site.occupancy 
_atom_site.B_iso_or_equiv 
_atom_site.pdbx_formal_charge 
_atom_site.auth_seq_id 
_atom_site.auth_comp_id 
_atom_site.auth_asym_id 
_atom_site.auth_atom_id 
_atom_site.pdbx_PDB_model_num 
ATOM   1   O  "O5'" . DC  A 1 1  ? -11.124 -6.301  -16.566 1.00 26.06 ? 1   DC  A "O5'" 1 
ATOM   2   C  "C5'" . DC  A 1 1  ? -11.589 -6.608  -15.254 1.00 21.90 ? 1   DC  A "C5'" 1 
ATOM   3   C  "C4'" . DC  A 1 1  ? -12.238 -5.359  -14.694 1.00 20.52 ? 1   DC  A "C4'" 1 
ATOM   4   O  "O4'" . DC  A 1 1  ? -12.901 -5.679  -13.467 1.00 19.86 ? 1   DC  A "O4'" 1 
ATOM   5   C  "C3'" . DC  A 1 1  ? -11.226 -4.285  -14.333 1.00 19.68 ? 1   DC  A "C3'" 1 
ATOM   6   O  "O3'" . DC  A 1 1  ? -11.867 -3.046  -14.602 1.00 21.48 ? 1   DC  A "O3'" 1 
ATOM   7   C  "C2'" . DC  A 1 1  ? -10.972 -4.516  -12.851 1.00 19.00 ? 1   DC  A "C2'" 1 
ATOM   8   C  "C1'" . DC  A 1 1  ? -12.348 -4.941  -12.389 1.00 17.55 ? 1   DC  A "C1'" 1 
ATOM   9   N  N1    . DC  A 1 1  ? -12.428 -5.789  -11.212 1.00 17.16 ? 1   DC  A N1    1 
ATOM   10  C  C2    . DC  A 1 1  ? -13.441 -5.533  -10.291 1.00 19.39 ? 1   DC  A C2    1 
ATOM   11  O  O2    . DC  A 1 1  ? -14.134 -4.508  -10.429 1.00 20.16 ? 1   DC  A O2    1 
ATOM   12  N  N3    . DC  A 1 1  ? -13.599 -6.359  -9.233  1.00 16.93 ? 1   DC  A N3    1 
ATOM   13  C  C4    . DC  A 1 1  ? -12.814 -7.429  -9.087  1.00 16.91 ? 1   DC  A C4    1 
ATOM   14  N  N4    . DC  A 1 1  ? -13.051 -8.225  -8.028  1.00 18.17 ? 1   DC  A N4    1 
ATOM   15  C  C5    . DC  A 1 1  ? -11.784 -7.735  -10.030 1.00 17.20 ? 1   DC  A C5    1 
ATOM   16  C  C6    . DC  A 1 1  ? -11.659 -6.918  -11.090 1.00 18.33 ? 1   DC  A C6    1 
ATOM   17  P  P     . DG  A 1 2  ? -11.061 -1.691  -14.568 1.00 25.14 ? 2   DG  A P     1 
ATOM   18  O  OP1   . DG  A 1 2  ? -11.659 -0.844  -15.612 1.00 26.74 ? 2   DG  A OP1   1 
ATOM   19  O  OP2   . DG  A 1 2  ? -9.664  -1.893  -14.514 1.00 22.25 ? 2   DG  A OP2   1 
ATOM   20  O  "O5'" . DG  A 1 2  ? -11.363 -1.041  -13.152 1.00 22.72 ? 2   DG  A "O5'" 1 
ATOM   21  C  "C5'" . DG  A 1 2  ? -12.692 -0.650  -12.824 1.00 25.68 ? 2   DG  A "C5'" 1 
ATOM   22  C  "C4'" . DG  A 1 2  ? -12.638 0.175   -11.562 1.00 22.85 ? 2   DG  A "C4'" 1 
ATOM   23  O  "O4'" . DG  A 1 2  ? -12.733 -0.743  -10.453 1.00 21.14 ? 2   DG  A "O4'" 1 
ATOM   24  C  "C3'" . DG  A 1 2  ? -11.352 0.991   -11.339 1.00 21.99 ? 2   DG  A "C3'" 1 
ATOM   25  O  "O3'" . DG  A 1 2  ? -11.763 2.247   -10.767 1.00 22.64 ? 2   DG  A "O3'" 1 
ATOM   26  C  "C2'" . DG  A 1 2  ? -10.573 0.180   -10.325 1.00 20.02 ? 2   DG  A "C2'" 1 
ATOM   27  C  "C1'" . DG  A 1 2  ? -11.681 -0.520  -9.522  1.00 18.59 ? 2   DG  A "C1'" 1 
ATOM   28  N  N9    . DG  A 1 2  ? -11.323 -1.820  -8.993  1.00 17.85 ? 2   DG  A N9    1 
ATOM   29  C  C8    . DG  A 1 2  ? -10.517 -2.784  -9.565  1.00 16.61 ? 2   DG  A C8    1 
ATOM   30  N  N7    . DG  A 1 2  ? -10.501 -3.902  -8.883  1.00 16.83 ? 2   DG  A N7    1 
ATOM   31  C  C5    . DG  A 1 2  ? -11.421 -3.696  -7.861  1.00 16.50 ? 2   DG  A C5    1 
ATOM   32  C  C6    . DG  A 1 2  ? -11.849 -4.567  -6.809  1.00 15.72 ? 2   DG  A C6    1 
ATOM   33  O  O6    . DG  A 1 2  ? -11.498 -5.729  -6.577  1.00 16.40 ? 2   DG  A O6    1 
ATOM   34  N  N1    . DG  A 1 2  ? -12.806 -3.965  -5.998  1.00 16.10 ? 2   DG  A N1    1 
ATOM   35  C  C2    . DG  A 1 2  ? -13.272 -2.678  -6.160  1.00 15.47 ? 2   DG  A C2    1 
ATOM   36  N  N2    . DG  A 1 2  ? -14.229 -2.257  -5.303  1.00 17.22 ? 2   DG  A N2    1 
ATOM   37  N  N3    . DG  A 1 2  ? -12.905 -1.878  -7.161  1.00 16.39 ? 2   DG  A N3    1 
ATOM   38  C  C4    . DG  A 1 2  ? -11.939 -2.420  -7.916  1.00 15.63 ? 2   DG  A C4    1 
ATOM   39  P  P     . DC  A 1 3  ? -10.775 3.476   -10.528 1.00 24.14 ? 3   DC  A P     1 
ATOM   40  O  OP1   . DC  A 1 3  ? -11.526 4.574   -11.180 1.00 26.13 ? 3   DC  A OP1   1 
ATOM   41  O  OP2   . DC  A 1 3  ? -9.434  3.155   -10.951 1.00 25.73 ? 3   DC  A OP2   1 
ATOM   42  O  "O5'" . DC  A 1 3  ? -10.837 3.635   -8.950  1.00 22.14 ? 3   DC  A "O5'" 1 
ATOM   43  C  "C5'" . DC  A 1 3  ? -12.108 3.849   -8.321  1.00 24.04 ? 3   DC  A "C5'" 1 
ATOM   44  C  "C4'" . DC  A 1 3  ? -12.095 3.395   -6.883  1.00 24.20 ? 3   DC  A "C4'" 1 
ATOM   45  O  "O4'" . DC  A 1 3  ? -11.919 1.984   -6.889  1.00 21.68 ? 3   DC  A "O4'" 1 
ATOM   46  C  "C3'" . DC  A 1 3  ? -10.910 3.936   -6.086  1.00 25.08 ? 3   DC  A "C3'" 1 
ATOM   47  O  "O3'" . DC  A 1 3  ? -11.266 5.153   -5.412  1.00 31.51 ? 3   DC  A "O3'" 1 
ATOM   48  C  "C2'" . DC  A 1 3  ? -10.621 2.839   -5.082  1.00 24.35 ? 3   DC  A "C2'" 1 
ATOM   49  C  "C1'" . DC  A 1 3  ? -11.329 1.619   -5.652  1.00 20.63 ? 3   DC  A "C1'" 1 
ATOM   50  N  N1    . DC  A 1 3  ? -10.444 0.484   -5.886  1.00 18.41 ? 3   DC  A N1    1 
ATOM   51  C  C2    . DC  A 1 3  ? -10.568 -0.654  -5.075  1.00 18.03 ? 3   DC  A C2    1 
ATOM   52  O  O2    . DC  A 1 3  ? -11.393 -0.641  -4.142  1.00 17.75 ? 3   DC  A O2    1 
ATOM   53  N  N3    . DC  A 1 3  ? -9.790  -1.726  -5.324  1.00 16.06 ? 3   DC  A N3    1 
ATOM   54  C  C4    . DC  A 1 3  ? -8.867  -1.672  -6.290  1.00 17.96 ? 3   DC  A C4    1 
ATOM   55  N  N4    . DC  A 1 3  ? -8.149  -2.761  -6.518  1.00 19.43 ? 3   DC  A N4    1 
ATOM   56  C  C5    . DC  A 1 3  ? -8.673  -0.504  -7.083  1.00 18.62 ? 3   DC  A C5    1 
ATOM   57  C  C6    . DC  A 1 3  ? -9.488  0.538   -6.860  1.00 18.81 ? 3   DC  A C6    1 
ATOM   58  P  P     . DG  A 1 4  ? -10.167 6.034   -4.616  1.00 31.53 ? 4   DG  A P     1 
ATOM   59  O  OP1   . DG  A 1 4  ? -10.612 7.446   -4.663  1.00 38.05 ? 4   DG  A OP1   1 
ATOM   60  O  OP2   . DG  A 1 4  ? -8.785  5.710   -4.976  1.00 30.52 ? 4   DG  A OP2   1 
ATOM   61  O  "O5'" . DG  A 1 4  ? -10.396 5.441   -3.157  1.00 28.41 ? 4   DG  A "O5'" 1 
ATOM   62  C  "C5'" . DG  A 1 4  ? -11.701 5.361   -2.539  1.00 26.74 ? 4   DG  A "C5'" 1 
ATOM   63  C  "C4'" . DG  A 1 4  ? -11.586 4.662   -1.203  1.00 28.73 ? 4   DG  A "C4'" 1 
ATOM   64  O  "O4'" . DG  A 1 4  ? -11.181 3.267   -1.363  1.00 24.54 ? 4   DG  A "O4'" 1 
ATOM   65  C  "C3'" . DG  A 1 4  ? -10.518 5.302   -0.314  1.00 28.94 ? 4   DG  A "C3'" 1 
ATOM   66  O  "O3'" . DG  A 1 4  ? -11.019 5.249   1.007   1.00 32.45 ? 4   DG  A "O3'" 1 
ATOM   67  C  "C2'" . DG  A 1 4  ? -9.293  4.431   -0.549  1.00 25.58 ? 4   DG  A "C2'" 1 
ATOM   68  C  "C1'" . DG  A 1 4  ? -9.895  3.054   -0.767  1.00 25.44 ? 4   DG  A "C1'" 1 
ATOM   69  N  N9    . DG  A 1 4  ? -9.094  2.249   -1.681  1.00 21.89 ? 4   DG  A N9    1 
ATOM   70  C  C8    . DG  A 1 4  ? -8.383  2.705   -2.763  1.00 23.82 ? 4   DG  A C8    1 
ATOM   71  N  N7    . DG  A 1 4  ? -7.735  1.763   -3.390  1.00 21.66 ? 4   DG  A N7    1 
ATOM   72  C  C5    . DG  A 1 4  ? -8.056  0.607   -2.695  1.00 18.66 ? 4   DG  A C5    1 
ATOM   73  C  C6    . DG  A 1 4  ? -7.608  -0.738  -2.882  1.00 16.99 ? 4   DG  A C6    1 
ATOM   74  O  O6    . DG  A 1 4  ? -6.907  -1.189  -3.788  1.00 19.32 ? 4   DG  A O6    1 
ATOM   75  N  N1    . DG  A 1 4  ? -8.136  -1.588  -1.918  1.00 18.73 ? 4   DG  A N1    1 
ATOM   76  C  C2    . DG  A 1 4  ? -8.966  -1.202  -0.897  1.00 18.80 ? 4   DG  A C2    1 
ATOM   77  N  N2    . DG  A 1 4  ? -9.322  -2.160  -0.044  1.00 19.37 ? 4   DG  A N2    1 
ATOM   78  N  N3    . DG  A 1 4  ? -9.360  0.045   -0.693  1.00 20.42 ? 4   DG  A N3    1 
ATOM   79  C  C4    . DG  A 1 4  ? -8.879  0.888   -1.626  1.00 19.24 ? 4   DG  A C4    1 
ATOM   80  P  P     . DA  A 1 5  ? -10.193 5.702   2.310   1.00 31.26 ? 5   DA  A P     1 
ATOM   81  O  OP1   . DA  A 1 5  ? -11.300 6.308   3.057   1.00 38.69 ? 5   DA  A OP1   1 
ATOM   82  O  OP2   . DA  A 1 5  ? -8.945  6.432   1.990   1.00 34.00 ? 5   DA  A OP2   1 
ATOM   83  O  "O5'" . DA  A 1 5  ? -9.847  4.331   3.039   1.00 27.85 ? 5   DA  A "O5'" 1 
ATOM   84  C  "C5'" . DA  A 1 5  ? -10.780 3.307   3.372   1.00 23.92 ? 5   DA  A "C5'" 1 
ATOM   85  C  "C4'" . DA  A 1 5  ? -10.024 2.140   3.973   1.00 21.13 ? 5   DA  A "C4'" 1 
ATOM   86  O  "O4'" . DA  A 1 5  ? -9.272  1.472   2.946   1.00 21.73 ? 5   DA  A "O4'" 1 
ATOM   87  C  "C3'" . DA  A 1 5  ? -9.023  2.493   5.080   1.00 19.29 ? 5   DA  A "C3'" 1 
ATOM   88  O  "O3'" . DA  A 1 5  ? -9.167  1.461   6.061   1.00 19.81 ? 5   DA  A "O3'" 1 
ATOM   89  C  "C2'" . DA  A 1 5  ? -7.674  2.417   4.368   1.00 21.10 ? 5   DA  A "C2'" 1 
ATOM   90  C  "C1'" . DA  A 1 5  ? -7.915  1.325   3.320   1.00 19.35 ? 5   DA  A "C1'" 1 
ATOM   91  N  N9    . DA  A 1 5  ? -7.143  1.438   2.099   1.00 17.39 ? 5   DA  A N9    1 
ATOM   92  C  C8    . DA  A 1 5  ? -6.882  2.591   1.401   1.00 20.36 ? 5   DA  A C8    1 
ATOM   93  N  N7    . DA  A 1 5  ? -6.173  2.402   0.314   1.00 18.99 ? 5   DA  A N7    1 
ATOM   94  C  C5    . DA  A 1 5  ? -5.967  1.034   0.276   1.00 16.71 ? 5   DA  A C5    1 
ATOM   95  C  C6    . DA  A 1 5  ? -5.277  0.199   -0.622  1.00 16.00 ? 5   DA  A C6    1 
ATOM   96  N  N6    . DA  A 1 5  ? -4.685  0.616   -1.740  1.00 17.47 ? 5   DA  A N6    1 
ATOM   97  N  N1    . DA  A 1 5  ? -5.246  -1.123  -0.338  1.00 15.76 ? 5   DA  A N1    1 
ATOM   98  C  C2    . DA  A 1 5  ? -5.843  -1.558  0.774   1.00 18.45 ? 5   DA  A C2    1 
ATOM   99  N  N3    . DA  A 1 5  ? -6.517  -0.880  1.692   1.00 16.71 ? 5   DA  A N3    1 
ATOM   100 C  C4    . DA  A 1 5  ? -6.569  0.423   1.369   1.00 16.29 ? 5   DA  A C4    1 
ATOM   101 P  P     . DA  A 1 6  ? -8.256  1.247   7.377   1.00 20.52 ? 6   DA  A P     1 
ATOM   102 O  OP1   . DA  A 1 6  ? -9.095  0.614   8.393   1.00 21.45 ? 6   DA  A OP1   1 
ATOM   103 O  OP2   . DA  A 1 6  ? -7.610  2.495   7.742   1.00 20.81 ? 6   DA  A OP2   1 
ATOM   104 O  "O5'" . DA  A 1 6  ? -7.133  0.260   6.870   1.00 18.39 ? 6   DA  A "O5'" 1 
ATOM   105 C  "C5'" . DA  A 1 6  ? -7.398  -1.078  6.603   1.00 17.62 ? 6   DA  A "C5'" 1 
ATOM   106 C  "C4'" . DA  A 1 6  ? -6.118  -1.820  6.322   1.00 18.07 ? 6   DA  A "C4'" 1 
ATOM   107 O  "O4'" . DA  A 1 6  ? -5.614  -1.401  5.046   1.00 18.16 ? 6   DA  A "O4'" 1 
ATOM   108 C  "C3'" . DA  A 1 6  ? -4.998  -1.550  7.326   1.00 18.37 ? 6   DA  A "C3'" 1 
ATOM   109 O  "O3'" . DA  A 1 6  ? -4.599  -2.807  7.823   1.00 19.20 ? 6   DA  A "O3'" 1 
ATOM   110 C  "C2'" . DA  A 1 6  ? -3.926  -0.801  6.545   1.00 17.47 ? 6   DA  A "C2'" 1 
ATOM   111 C  "C1'" . DA  A 1 6  ? -4.206  -1.222  5.116   1.00 16.60 ? 6   DA  A "C1'" 1 
ATOM   112 N  N9    . DA  A 1 6  ? -3.880  -0.251  4.095   1.00 16.73 ? 6   DA  A N9    1 
ATOM   113 C  C8    . DA  A 1 6  ? -4.158  1.093   4.091   1.00 16.92 ? 6   DA  A C8    1 
ATOM   114 N  N7    . DA  A 1 6  ? -3.726  1.708   3.022   1.00 17.73 ? 6   DA  A N7    1 
ATOM   115 C  C5    . DA  A 1 6  ? -3.129  0.709   2.272   1.00 15.08 ? 6   DA  A C5    1 
ATOM   116 C  C6    . DA  A 1 6  ? -2.473  0.729   1.030   1.00 14.85 ? 6   DA  A C6    1 
ATOM   117 N  N6    . DA  A 1 6  ? -2.353  1.835   0.298   1.00 16.84 ? 6   DA  A N6    1 
ATOM   118 N  N1    . DA  A 1 6  ? -2.007  -0.444  0.543   1.00 16.42 ? 6   DA  A N1    1 
ATOM   119 C  C2    . DA  A 1 6  ? -2.159  -1.562  1.283   1.00 15.95 ? 6   DA  A C2    1 
ATOM   120 N  N3    . DA  A 1 6  ? -2.758  -1.702  2.471   1.00 16.82 ? 6   DA  A N3    1 
ATOM   121 C  C4    . DA  A 1 6  ? -3.207  -0.505  2.921   1.00 15.59 ? 6   DA  A C4    1 
ATOM   122 P  P     . DT  A 1 7  ? -3.394  -3.037  8.851   1.00 19.03 ? 7   DT  A P     1 
ATOM   123 O  OP1   . DT  A 1 7  ? -3.683  -4.272  9.606   1.00 19.66 ? 7   DT  A OP1   1 
ATOM   124 O  OP2   . DT  A 1 7  ? -3.122  -1.831  9.597   1.00 19.47 ? 7   DT  A OP2   1 
ATOM   125 O  "O5'" . DT  A 1 7  ? -2.178  -3.210  7.841   1.00 18.61 ? 7   DT  A "O5'" 1 
ATOM   126 C  "C5'" . DT  A 1 7  ? -2.189  -4.360  7.004   1.00 18.84 ? 7   DT  A "C5'" 1 
ATOM   127 C  "C4'" . DT  A 1 7  ? -1.013  -4.332  6.060   1.00 19.18 ? 7   DT  A "C4'" 1 
ATOM   128 O  "O4'" . DT  A 1 7  ? -1.130  -3.157  5.266   1.00 19.11 ? 7   DT  A "O4'" 1 
ATOM   129 C  "C3'" . DT  A 1 7  ? 0.340   -4.213  6.767   1.00 20.71 ? 7   DT  A "C3'" 1 
ATOM   130 O  "O3'" . DT  A 1 7  ? 0.912   -5.472  6.490   1.00 22.03 ? 7   DT  A "O3'" 1 
ATOM   131 C  "C2'" . DT  A 1 7  ? 1.004   -3.000  6.129   1.00 19.07 ? 7   DT  A "C2'" 1 
ATOM   132 C  "C1'" . DT  A 1 7  ? 0.181   -2.774  4.885   1.00 18.67 ? 7   DT  A "C1'" 1 
ATOM   133 N  N1    . DT  A 1 7  ? 0.112   -1.370  4.393   1.00 15.67 ? 7   DT  A N1    1 
ATOM   134 C  C2    . DT  A 1 7  ? 0.669   -1.077  3.165   1.00 15.97 ? 7   DT  A C2    1 
ATOM   135 O  O2    . DT  A 1 7  ? 1.164   -1.924  2.440   1.00 19.20 ? 7   DT  A O2    1 
ATOM   136 N  N3    . DT  A 1 7  ? 0.535   0.229   2.781   1.00 16.84 ? 7   DT  A N3    1 
ATOM   137 C  C4    . DT  A 1 7  ? 0.034   1.275   3.520   1.00 14.31 ? 7   DT  A C4    1 
ATOM   138 O  O4    . DT  A 1 7  ? -0.039  2.397   3.021   1.00 16.60 ? 7   DT  A O4    1 
ATOM   139 C  C5    . DT  A 1 7  ? -0.522  0.903   4.817   1.00 14.99 ? 7   DT  A C5    1 
ATOM   140 C  C7    . DT  A 1 7  ? -1.101  1.965   5.700   1.00 16.89 ? 7   DT  A C7    1 
ATOM   141 C  C6    . DT  A 1 7  ? -0.420  -0.374  5.188   1.00 16.26 ? 7   DT  A C6    1 
ATOM   142 P  P     . DT  A 1 8  ? 2.323   -5.922  7.126   1.00 22.14 ? 8   DT  A P     1 
ATOM   143 O  OP1   . DT  A 1 8  ? 2.347   -7.394  7.138   1.00 25.75 ? 8   DT  A OP1   1 
ATOM   144 O  OP2   . DT  A 1 8  ? 2.560   -5.147  8.312   1.00 23.64 ? 8   DT  A OP2   1 
ATOM   145 O  "O5'" . DT  A 1 8  ? 3.434   -5.408  6.113   1.00 21.86 ? 8   DT  A "O5'" 1 
ATOM   146 C  "C5'" . DT  A 1 8  ? 3.397   -5.947  4.792   1.00 23.14 ? 8   DT  A "C5'" 1 
ATOM   147 C  "C4'" . DT  A 1 8  ? 4.421   -5.242  3.931   1.00 23.43 ? 8   DT  A "C4'" 1 
ATOM   148 O  "O4'" . DT  A 1 8  ? 3.957   -3.911  3.714   1.00 23.74 ? 8   DT  A "O4'" 1 
ATOM   149 C  "C3'" . DT  A 1 8  ? 5.812   -5.095  4.538   1.00 25.89 ? 8   DT  A "C3'" 1 
ATOM   150 O  "O3'" . DT  A 1 8  ? 6.553   -5.944  3.671   1.00 27.31 ? 8   DT  A "O3'" 1 
ATOM   151 C  "C2'" . DT  A 1 8  ? 6.184   -3.635  4.345   1.00 23.92 ? 8   DT  A "C2'" 1 
ATOM   152 C  "C1'" . DT  A 1 8  ? 5.068   -3.095  3.437   1.00 22.70 ? 8   DT  A "C1'" 1 
ATOM   153 N  N1    . DT  A 1 8  ? 4.635   -1.719  3.677   1.00 20.47 ? 8   DT  A N1    1 
ATOM   154 C  C2    . DT  A 1 8  ? 4.721   -0.791  2.677   1.00 20.17 ? 8   DT  A C2    1 
ATOM   155 O  O2    . DT  A 1 8  ? 5.259   -1.031  1.603   1.00 22.55 ? 8   DT  A O2    1 
ATOM   156 N  N3    . DT  A 1 8  ? 4.278   0.463   3.010   1.00 19.20 ? 8   DT  A N3    1 
ATOM   157 C  C4    . DT  A 1 8  ? 3.695   0.854   4.204   1.00 17.21 ? 8   DT  A C4    1 
ATOM   158 O  O4    . DT  A 1 8  ? 3.308   2.016   4.336   1.00 18.89 ? 8   DT  A O4    1 
ATOM   159 C  C5    . DT  A 1 8  ? 3.622   -0.185  5.214   1.00 19.18 ? 8   DT  A C5    1 
ATOM   160 C  C7    . DT  A 1 8  ? 3.073   0.151   6.566   1.00 21.23 ? 8   DT  A C7    1 
ATOM   161 C  C6    . DT  A 1 8  ? 4.076   -1.405  4.900   1.00 20.85 ? 8   DT  A C6    1 
ATOM   162 P  P     . DC  A 1 9  ? 8.148   -6.079  3.772   1.00 26.85 ? 9   DC  A P     1 
ATOM   163 O  OP1   . DC  A 1 9  ? 8.483   -7.342  3.145   1.00 31.70 ? 9   DC  A OP1   1 
ATOM   164 O  OP2   . DC  A 1 9  ? 8.614   -5.726  5.038   1.00 24.36 ? 9   DC  A OP2   1 
ATOM   165 O  "O5'" . DC  A 1 9  ? 8.776   -4.978  2.828   1.00 24.55 ? 9   DC  A "O5'" 1 
ATOM   166 C  "C5'" . DC  A 1 9  ? 8.440   -4.929  1.444   1.00 25.28 ? 9   DC  A "C5'" 1 
ATOM   167 C  "C4'" . DC  A 1 9  ? 9.159   -3.773  0.779   1.00 29.53 ? 9   DC  A "C4'" 1 
ATOM   168 O  "O4'" . DC  A 1 9  ? 8.512   -2.559  1.197   1.00 28.14 ? 9   DC  A "O4'" 1 
ATOM   169 C  "C3'" . DC  A 1 9  ? 10.638  -3.612  1.147   1.00 32.33 ? 9   DC  A "C3'" 1 
ATOM   170 O  "O3'" . DC  A 1 9  ? 11.441  -3.817  -0.010  1.00 29.56 ? 9   DC  A "O3'" 1 
ATOM   171 C  "C2'" . DC  A 1 9  ? 10.751  -2.217  1.731   1.00 27.57 ? 9   DC  A "C2'" 1 
ATOM   172 C  "C1'" . DC  A 1 9  ? 9.448   -1.541  1.374   1.00 28.45 ? 9   DC  A "C1'" 1 
ATOM   173 N  N1    . DC  A 1 9  ? 8.904   -0.675  2.397   1.00 26.31 ? 9   DC  A N1    1 
ATOM   174 C  C2    . DC  A 1 9  ? 8.521   0.618   2.066   1.00 21.42 ? 9   DC  A C2    1 
ATOM   175 O  O2    . DC  A 1 9  ? 8.771   1.045   0.934   1.00 25.14 ? 9   DC  A O2    1 
ATOM   176 N  N3    . DC  A 1 9  ? 7.903   1.376   2.990   1.00 21.79 ? 9   DC  A N3    1 
ATOM   177 C  C4    . DC  A 1 9  ? 7.680   0.890   4.210   1.00 19.06 ? 9   DC  A C4    1 
ATOM   178 N  N4    . DC  A 1 9  ? 7.057   1.668   5.089   1.00 21.17 ? 9   DC  A N4    1 
ATOM   179 C  C5    . DC  A 1 9  ? 8.040   -0.435  4.565   1.00 22.24 ? 9   DC  A C5    1 
ATOM   180 C  C6    . DC  A 1 9  ? 8.614   -1.186  3.628   1.00 26.01 ? 9   DC  A C6    1 
ATOM   181 P  P     . DG  A 1 10 ? 13.003  -4.109  -0.071  1.00 31.50 ? 10  DG  A P     1 
ATOM   182 O  OP1   . DG  A 1 10 ? 13.221  -4.738  -1.322  1.00 30.37 ? 10  DG  A OP1   1 
ATOM   183 O  OP2   . DG  A 1 10 ? 13.451  -4.702  1.167   1.00 31.51 ? 10  DG  A OP2   1 
ATOM   184 O  "O5'" . DG  A 1 10 ? 13.652  -2.672  -0.132  1.00 31.82 ? 10  DG  A "O5'" 1 
ATOM   185 C  "C5'" . DG  A 1 10 ? 13.255  -1.849  -1.200  1.00 29.17 ? 10  DG  A "C5'" 1 
ATOM   186 C  "C4'" . DG  A 1 10 ? 13.692  -0.432  -0.944  1.00 32.16 ? 10  DG  A "C4'" 1 
ATOM   187 O  "O4'" . DG  A 1 10 ? 12.880  0.104   0.115   1.00 30.07 ? 10  DG  A "O4'" 1 
ATOM   188 C  "C3'" . DG  A 1 10 ? 15.134  -0.291  -0.483  1.00 35.54 ? 10  DG  A "C3'" 1 
ATOM   189 O  "O3'" . DG  A 1 10 ? 15.637  0.896   -1.100  1.00 32.91 ? 10  DG  A "O3'" 1 
ATOM   190 C  "C2'" . DG  A 1 10 ? 15.000  -0.152  1.020   1.00 33.58 ? 10  DG  A "C2'" 1 
ATOM   191 C  "C1'" . DG  A 1 10 ? 13.724  0.659   1.082   1.00 30.80 ? 10  DG  A "C1'" 1 
ATOM   192 N  N9    . DG  A 1 10 ? 12.986  0.730   2.336   1.00 27.36 ? 10  DG  A N9    1 
ATOM   193 C  C8    . DG  A 1 10 ? 12.843  -0.231  3.302   1.00 27.22 ? 10  DG  A C8    1 
ATOM   194 N  N7    . DG  A 1 10 ? 12.050  0.129   4.268   1.00 25.88 ? 10  DG  A N7    1 
ATOM   195 C  C5    . DG  A 1 10 ? 11.630  1.398   3.912   1.00 24.45 ? 10  DG  A C5    1 
ATOM   196 C  C6    . DG  A 1 10 ? 10.784  2.310   4.584   1.00 20.96 ? 10  DG  A C6    1 
ATOM   197 O  O6    . DG  A 1 10 ? 10.226  2.177   5.661   1.00 22.68 ? 10  DG  A O6    1 
ATOM   198 N  N1    . DG  A 1 10 ? 10.627  3.487   3.863   1.00 19.37 ? 10  DG  A N1    1 
ATOM   199 C  C2    . DG  A 1 10 ? 11.223  3.761   2.662   1.00 22.74 ? 10  DG  A C2    1 
ATOM   200 N  N2    . DG  A 1 10 ? 10.961  4.951   2.130   1.00 20.81 ? 10  DG  A N2    1 
ATOM   201 N  N3    . DG  A 1 10 ? 12.000  2.914   2.017   1.00 25.30 ? 10  DG  A N3    1 
ATOM   202 C  C4    . DG  A 1 10 ? 12.180  1.772   2.707   1.00 26.69 ? 10  DG  A C4    1 
ATOM   203 P  P     . DC  A 1 11 ? 16.584  0.996   -2.364  1.00 35.12 ? 11  DC  A P     1 
ATOM   204 O  OP1   . DC  A 1 11 ? 16.045  0.163   -3.414  1.00 37.33 ? 11  DC  A OP1   1 
ATOM   205 O  OP2   . DC  A 1 11 ? 17.838  0.656   -1.676  1.00 29.09 ? 11  DC  A OP2   1 
ATOM   206 O  "O5'" . DC  A 1 11 ? 16.325  2.503   -2.808  1.00 34.06 ? 11  DC  A "O5'" 1 
ATOM   207 C  "C5'" . DC  A 1 11 ? 15.101  2.884   -3.468  1.00 30.33 ? 11  DC  A "C5'" 1 
ATOM   208 C  "C4'" . DC  A 1 11 ? 14.618  4.273   -3.100  1.00 35.06 ? 11  DC  A "C4'" 1 
ATOM   209 O  "O4'" . DC  A 1 11 ? 14.101  4.364   -1.741  1.00 36.56 ? 11  DC  A "O4'" 1 
ATOM   210 C  "C3'" . DC  A 1 11 ? 15.619  5.412   -3.235  1.00 33.16 ? 11  DC  A "C3'" 1 
ATOM   211 O  "O3'" . DC  A 1 11 ? 14.912  6.548   -3.720  1.00 34.63 ? 11  DC  A "O3'" 1 
ATOM   212 C  "C2'" . DC  A 1 11 ? 16.063  5.639   -1.801  1.00 32.12 ? 11  DC  A "C2'" 1 
ATOM   213 C  "C1'" . DC  A 1 11 ? 14.815  5.334   -0.994  1.00 30.23 ? 11  DC  A "C1'" 1 
ATOM   214 N  N1    . DC  A 1 11 ? 15.065  4.762   0.331   1.00 34.08 ? 11  DC  A N1    1 
ATOM   215 C  C2    . DC  A 1 11 ? 14.436  5.334   1.425   1.00 27.48 ? 11  DC  A C2    1 
ATOM   216 O  O2    . DC  A 1 11 ? 13.739  6.327   1.250   1.00 26.81 ? 11  DC  A O2    1 
ATOM   217 N  N3    . DC  A 1 11 ? 14.578  4.770   2.641   1.00 27.60 ? 11  DC  A N3    1 
ATOM   218 C  C4    . DC  A 1 11 ? 15.335  3.687   2.786   1.00 31.81 ? 11  DC  A C4    1 
ATOM   219 N  N4    . DC  A 1 11 ? 15.458  3.169   4.004   1.00 33.20 ? 11  DC  A N4    1 
ATOM   220 C  C5    . DC  A 1 11 ? 16.000  3.087   1.683   1.00 33.05 ? 11  DC  A C5    1 
ATOM   221 C  C6    . DC  A 1 11 ? 15.822  3.640   0.482   1.00 34.31 ? 11  DC  A C6    1 
ATOM   222 P  P     . DG  A 1 12 ? 15.605  7.798   -4.457  1.00 32.02 ? 12  DG  A P     1 
ATOM   223 O  OP1   . DG  A 1 12 ? 14.664  8.580   -5.225  1.00 31.58 ? 12  DG  A OP1   1 
ATOM   224 O  OP2   . DG  A 1 12 ? 16.776  7.259   -5.047  1.00 34.16 ? 12  DG  A OP2   1 
ATOM   225 O  "O5'" . DG  A 1 12 ? 16.221  8.657   -3.280  1.00 30.11 ? 12  DG  A "O5'" 1 
ATOM   226 C  "C5'" . DG  A 1 12 ? 15.422  9.584   -2.543  1.00 28.15 ? 12  DG  A "C5'" 1 
ATOM   227 C  "C4'" . DG  A 1 12 ? 16.150  10.080  -1.312  1.00 24.64 ? 12  DG  A "C4'" 1 
ATOM   228 O  "O4'" . DG  A 1 12 ? 16.185  9.066   -0.323  1.00 24.95 ? 12  DG  A "O4'" 1 
ATOM   229 C  "C3'" . DG  A 1 12 ? 17.610  10.487  -1.486  1.00 24.66 ? 12  DG  A "C3'" 1 
ATOM   230 O  "O3'" . DG  A 1 12 ? 17.696  11.888  -1.611  1.00 23.70 ? 12  DG  A "O3'" 1 
ATOM   231 C  "C2'" . DG  A 1 12 ? 18.264  10.111  -0.167  1.00 25.99 ? 12  DG  A "C2'" 1 
ATOM   232 C  "C1'" . DG  A 1 12 ? 17.176  9.409   0.609   1.00 23.73 ? 12  DG  A "C1'" 1 
ATOM   233 N  N9    . DG  A 1 12 ? 17.600  8.183   1.282   1.00 23.40 ? 12  DG  A N9    1 
ATOM   234 C  C8    . DG  A 1 12 ? 18.406  7.189   0.784   1.00 25.76 ? 12  DG  A C8    1 
ATOM   235 N  N7    . DG  A 1 12 ? 18.588  6.210   1.623   1.00 26.86 ? 12  DG  A N7    1 
ATOM   236 C  C5    . DG  A 1 12 ? 17.847  6.574   2.737   1.00 22.27 ? 12  DG  A C5    1 
ATOM   237 C  C6    . DG  A 1 12 ? 17.659  5.909   3.974   1.00 26.20 ? 12  DG  A C6    1 
ATOM   238 O  O6    . DG  A 1 12 ? 18.135  4.838   4.349   1.00 29.17 ? 12  DG  A O6    1 
ATOM   239 N  N1    . DG  A 1 12 ? 16.847  6.646   4.828   1.00 21.84 ? 12  DG  A N1    1 
ATOM   240 C  C2    . DG  A 1 12 ? 16.296  7.866   4.533   1.00 18.91 ? 12  DG  A C2    1 
ATOM   241 N  N2    . DG  A 1 12 ? 15.580  8.440   5.490   1.00 17.80 ? 12  DG  A N2    1 
ATOM   242 N  N3    . DG  A 1 12 ? 16.465  8.491   3.387   1.00 18.68 ? 12  DG  A N3    1 
ATOM   243 C  C4    . DG  A 1 12 ? 17.234  7.791   2.539   1.00 22.28 ? 12  DG  A C4    1 
ATOM   244 O  "O5'" . DC  B 1 1  ? 15.907  4.840   13.779  1.00 41.33 ? 13  DC  B "O5'" 1 
ATOM   245 C  "C5'" . DC  B 1 1  ? 15.724  6.259   13.940  1.00 28.52 ? 13  DC  B "C5'" 1 
ATOM   246 C  "C4'" . DC  B 1 1  ? 14.848  6.802   12.830  1.00 26.67 ? 13  DC  B "C4'" 1 
ATOM   247 O  "O4'" . DC  B 1 1  ? 15.591  6.842   11.584  1.00 23.30 ? 13  DC  B "O4'" 1 
ATOM   248 C  "C3'" . DC  B 1 1  ? 13.586  5.996   12.505  1.00 27.48 ? 13  DC  B "C3'" 1 
ATOM   249 O  "O3'" . DC  B 1 1  ? 12.601  6.891   11.986  1.00 27.60 ? 13  DC  B "O3'" 1 
ATOM   250 C  "C2'" . DC  B 1 1  ? 13.995  5.158   11.317  1.00 23.02 ? 13  DC  B "C2'" 1 
ATOM   251 C  "C1'" . DC  B 1 1  ? 14.892  6.141   10.573  1.00 25.62 ? 13  DC  B "C1'" 1 
ATOM   252 N  N1    . DC  B 1 1  ? 15.896  5.530   9.701   1.00 23.03 ? 13  DC  B N1    1 
ATOM   253 C  C2    . DC  B 1 1  ? 15.949  5.915   8.359   1.00 21.63 ? 13  DC  B C2    1 
ATOM   254 O  O2    . DC  B 1 1  ? 15.213  6.809   7.977   1.00 20.37 ? 13  DC  B O2    1 
ATOM   255 N  N3    . DC  B 1 1  ? 16.907  5.400   7.561   1.00 23.29 ? 13  DC  B N3    1 
ATOM   256 C  C4    . DC  B 1 1  ? 17.710  4.437   8.020   1.00 21.13 ? 13  DC  B C4    1 
ATOM   257 N  N4    . DC  B 1 1  ? 18.650  3.973   7.195   1.00 20.61 ? 13  DC  B N4    1 
ATOM   258 C  C5    . DC  B 1 1  ? 17.690  4.033   9.392   1.00 22.23 ? 13  DC  B C5    1 
ATOM   259 C  C6    . DC  B 1 1  ? 16.780  4.604   10.190  1.00 21.04 ? 13  DC  B C6    1 
ATOM   260 P  P     . DG  B 1 2  ? 11.227  7.123   12.817  1.00 27.74 ? 14  DG  B P     1 
ATOM   261 O  OP1   . DG  B 1 2  ? 11.497  7.717   14.083  1.00 28.69 ? 14  DG  B OP1   1 
ATOM   262 O  OP2   . DG  B 1 2  ? 10.399  5.962   12.709  1.00 32.74 ? 14  DG  B OP2   1 
ATOM   263 O  "O5'" . DG  B 1 2  ? 10.528  8.261   11.974  1.00 26.25 ? 14  DG  B "O5'" 1 
ATOM   264 C  "C5'" . DG  B 1 2  ? 11.190  9.524   11.799  1.00 22.66 ? 14  DG  B "C5'" 1 
ATOM   265 C  "C4'" . DG  B 1 2  ? 10.945  10.050  10.400  1.00 21.58 ? 14  DG  B "C4'" 1 
ATOM   266 O  "O4'" . DG  B 1 2  ? 11.759  9.360   9.438   1.00 25.37 ? 14  DG  B "O4'" 1 
ATOM   267 C  "C3'" . DG  B 1 2  ? 9.500   9.925   9.923   1.00 23.61 ? 14  DG  B "C3'" 1 
ATOM   268 O  "O3'" . DG  B 1 2  ? 8.956   11.177  9.593   1.00 21.53 ? 14  DG  B "O3'" 1 
ATOM   269 C  "C2'" . DG  B 1 2  ? 9.539   8.909   8.796   1.00 23.98 ? 14  DG  B "C2'" 1 
ATOM   270 C  "C1'" . DG  B 1 2  ? 10.988  8.922   8.325   1.00 24.86 ? 14  DG  B "C1'" 1 
ATOM   271 N  N9    . DG  B 1 2  ? 11.490  7.595   7.956   1.00 20.90 ? 14  DG  B N9    1 
ATOM   272 C  C8    . DG  B 1 2  ? 11.483  6.503   8.779   1.00 23.96 ? 14  DG  B C8    1 
ATOM   273 N  N7    . DG  B 1 2  ? 11.987  5.440   8.225   1.00 21.32 ? 14  DG  B N7    1 
ATOM   274 C  C5    . DG  B 1 2  ? 12.324  5.845   6.945   1.00 18.20 ? 14  DG  B C5    1 
ATOM   275 C  C6    . DG  B 1 2  ? 12.918  5.122   5.884   1.00 21.07 ? 14  DG  B C6    1 
ATOM   276 O  O6    . DG  B 1 2  ? 13.280  3.946   5.860   1.00 22.06 ? 14  DG  B O6    1 
ATOM   277 N  N1    . DG  B 1 2  ? 13.077  5.910   4.759   1.00 19.27 ? 14  DG  B N1    1 
ATOM   278 C  C2    . DG  B 1 2  ? 12.751  7.239   4.674   1.00 18.30 ? 14  DG  B C2    1 
ATOM   279 N  N2    . DG  B 1 2  ? 12.961  7.815   3.491   1.00 17.21 ? 14  DG  B N2    1 
ATOM   280 N  N3    . DG  B 1 2  ? 12.195  7.925   5.655   1.00 18.60 ? 14  DG  B N3    1 
ATOM   281 C  C4    . DG  B 1 2  ? 12.033  7.176   6.763   1.00 19.22 ? 14  DG  B C4    1 
ATOM   282 P  P     . DC  B 1 3  ? 7.453   11.261  9.138   1.00 22.86 ? 15  DC  B P     1 
ATOM   283 O  OP1   . DC  B 1 3  ? 7.106   12.652  9.420   1.00 24.68 ? 15  DC  B OP1   1 
ATOM   284 O  OP2   . DC  B 1 3  ? 6.671   10.133  9.752   1.00 29.48 ? 15  DC  B OP2   1 
ATOM   285 O  "O5'" . DC  B 1 3  ? 7.447   11.044  7.568   1.00 19.69 ? 15  DC  B "O5'" 1 
ATOM   286 C  "C5'" . DC  B 1 3  ? 8.115   11.977  6.654   1.00 19.95 ? 15  DC  B "C5'" 1 
ATOM   287 C  "C4'" . DC  B 1 3  ? 8.255   11.313  5.311   1.00 17.31 ? 15  DC  B "C4'" 1 
ATOM   288 O  "O4'" . DC  B 1 3  ? 9.008   10.097  5.482   1.00 17.90 ? 15  DC  B "O4'" 1 
ATOM   289 C  "C3'" . DC  B 1 3  ? 6.936   10.800  4.773   1.00 19.83 ? 15  DC  B "C3'" 1 
ATOM   290 O  "O3'" . DC  B 1 3  ? 6.493   11.881  3.989   1.00 21.70 ? 15  DC  B "O3'" 1 
ATOM   291 C  "C2'" . DC  B 1 3  ? 7.379   9.704   3.825   1.00 23.26 ? 15  DC  B "C2'" 1 
ATOM   292 C  "C1'" . DC  B 1 3  ? 8.658   9.208   4.445   1.00 19.44 ? 15  DC  B "C1'" 1 
ATOM   293 N  N1    . DC  B 1 3  ? 8.559   7.891   5.064   1.00 18.19 ? 15  DC  B N1    1 
ATOM   294 C  C2    . DC  B 1 3  ? 9.170   6.796   4.445   1.00 16.90 ? 15  DC  B C2    1 
ATOM   295 O  O2    . DC  B 1 3  ? 9.714   6.964   3.360   1.00 18.34 ? 15  DC  B O2    1 
ATOM   296 N  N3    . DC  B 1 3  ? 9.186   5.608   5.078   1.00 17.49 ? 15  DC  B N3    1 
ATOM   297 C  C4    . DC  B 1 3  ? 8.523   5.452   6.226   1.00 18.98 ? 15  DC  B C4    1 
ATOM   298 N  N4    . DC  B 1 3  ? 8.552   4.254   6.800   1.00 22.21 ? 15  DC  B N4    1 
ATOM   299 C  C5    . DC  B 1 3  ? 7.845   6.541   6.858   1.00 20.43 ? 15  DC  B C5    1 
ATOM   300 C  C6    . DC  B 1 3  ? 7.903   7.732   6.255   1.00 20.75 ? 15  DC  B C6    1 
ATOM   301 P  P     . DG  B 1 4  ? 5.068   11.859  3.250   1.00 25.86 ? 16  DG  B P     1 
ATOM   302 O  OP1   . DG  B 1 4  ? 4.712   13.224  3.051   1.00 32.36 ? 16  DG  B OP1   1 
ATOM   303 O  OP2   . DG  B 1 4  ? 4.145   11.013  3.923   1.00 27.30 ? 16  DG  B OP2   1 
ATOM   304 O  "O5'" . DG  B 1 4  ? 5.304   11.208  1.832   1.00 24.87 ? 16  DG  B "O5'" 1 
ATOM   305 C  "C5'" . DG  B 1 4  ? 6.296   11.666  0.904   1.00 24.44 ? 16  DG  B "C5'" 1 
ATOM   306 C  "C4'" . DG  B 1 4  ? 6.478   10.678  -0.227  1.00 23.99 ? 16  DG  B "C4'" 1 
ATOM   307 O  "O4'" . DG  B 1 4  ? 6.914   9.400   0.287   1.00 23.51 ? 16  DG  B "O4'" 1 
ATOM   308 C  "C3'" . DG  B 1 4  ? 5.216   10.390  -1.035  1.00 26.46 ? 16  DG  B "C3'" 1 
ATOM   309 O  "O3'" . DG  B 1 4  ? 5.561   10.208  -2.413  1.00 30.47 ? 16  DG  B "O3'" 1 
ATOM   310 C  "C2'" . DG  B 1 4  ? 4.666   9.156   -0.350  1.00 26.07 ? 16  DG  B "C2'" 1 
ATOM   311 C  "C1'" . DG  B 1 4  ? 5.933   8.419   0.040   1.00 25.11 ? 16  DG  B "C1'" 1 
ATOM   312 N  N9    . DG  B 1 4  ? 5.807   7.583   1.227   1.00 22.16 ? 16  DG  B N9    1 
ATOM   313 C  C8    . DG  B 1 4  ? 5.054   7.844   2.341   1.00 22.24 ? 16  DG  B C8    1 
ATOM   314 N  N7    . DG  B 1 4  ? 5.146   6.918   3.250   1.00 20.49 ? 16  DG  B N7    1 
ATOM   315 C  C5    . DG  B 1 4  ? 5.985   5.970   2.688   1.00 17.70 ? 16  DG  B C5    1 
ATOM   316 C  C6    . DG  B 1 4  ? 6.440   4.732   3.197   1.00 16.60 ? 16  DG  B C6    1 
ATOM   317 O  O6    . DG  B 1 4  ? 6.191   4.213   4.277   1.00 19.36 ? 16  DG  B O6    1 
ATOM   318 N  N1    . DG  B 1 4  ? 7.292   4.099   2.305   1.00 17.80 ? 16  DG  B N1    1 
ATOM   319 C  C2    . DG  B 1 4  ? 7.646   4.579   1.077   1.00 17.46 ? 16  DG  B C2    1 
ATOM   320 N  N2    . DG  B 1 4  ? 8.465   3.814   0.362   1.00 19.39 ? 16  DG  B N2    1 
ATOM   321 N  N3    . DG  B 1 4  ? 7.244   5.737   0.596   1.00 18.48 ? 16  DG  B N3    1 
ATOM   322 C  C4    . DG  B 1 4  ? 6.407   6.368   1.440   1.00 18.89 ? 16  DG  B C4    1 
ATOM   323 P  P     . DA  B 1 5  ? 4.764   9.565   -3.564  1.00 32.35 ? 17  DA  B P     1 
ATOM   324 O  OP1   . DA  B 1 5  ? 5.205   10.261  -4.719  1.00 35.10 ? 17  DA  B OP1   1 
ATOM   325 O  OP2   . DA  B 1 5  ? 3.392   9.613   -3.247  1.00 31.45 ? 17  DA  B OP2   1 
ATOM   326 O  "O5'" . DA  B 1 5  ? 5.413   8.138   -3.620  1.00 32.89 ? 17  DA  B "O5'" 1 
ATOM   327 C  "C5'" . DA  B 1 5  ? 6.791   7.943   -3.876  1.00 28.69 ? 17  DA  B "C5'" 1 
ATOM   328 C  "C4'" . DA  B 1 5  ? 7.017   6.496   -4.227  1.00 30.97 ? 17  DA  B "C4'" 1 
ATOM   329 O  "O4'" . DA  B 1 5  ? 6.855   5.658   -3.060  1.00 26.81 ? 17  DA  B "O4'" 1 
ATOM   330 C  "C3'" . DA  B 1 5  ? 6.064   5.946   -5.289  1.00 32.53 ? 17  DA  B "C3'" 1 
ATOM   331 O  "O3'" . DA  B 1 5  ? 6.823   5.063   -6.107  1.00 28.51 ? 17  DA  B "O3'" 1 
ATOM   332 C  "C2'" . DA  B 1 5  ? 5.018   5.218   -4.466  1.00 31.23 ? 17  DA  B "C2'" 1 
ATOM   333 C  "C1'" . DA  B 1 5  ? 5.789   4.738   -3.250  1.00 28.95 ? 17  DA  B "C1'" 1 
ATOM   334 N  N9    . DA  B 1 5  ? 5.008   4.721   -2.020  1.00 25.21 ? 17  DA  B N9    1 
ATOM   335 C  C8    . DA  B 1 5  ? 4.152   5.705   -1.610  1.00 23.18 ? 17  DA  B C8    1 
ATOM   336 N  N7    . DA  B 1 5  ? 3.613   5.485   -0.440  1.00 23.19 ? 17  DA  B N7    1 
ATOM   337 C  C5    . DA  B 1 5  ? 4.143   4.266   -0.055  1.00 20.20 ? 17  DA  B C5    1 
ATOM   338 C  C6    . DA  B 1 5  ? 3.971   3.485   1.093   1.00 16.70 ? 17  DA  B C6    1 
ATOM   339 N  N6    . DA  B 1 5  ? 3.178   3.829   2.102   1.00 19.17 ? 17  DA  B N6    1 
ATOM   340 N  N1    . DA  B 1 5  ? 4.629   2.315   1.161   1.00 19.09 ? 17  DA  B N1    1 
ATOM   341 C  C2    . DA  B 1 5  ? 5.435   1.978   0.151   1.00 22.09 ? 17  DA  B C2    1 
ATOM   342 N  N3    . DA  B 1 5  ? 5.694   2.634   -0.969  1.00 21.83 ? 17  DA  B N3    1 
ATOM   343 C  C4    . DA  B 1 5  ? 4.999   3.778   -1.022  1.00 19.53 ? 17  DA  B C4    1 
ATOM   344 P  P     . DA  B 1 6  ? 6.206   4.075   -7.167  1.00 32.05 ? 18  DA  B P     1 
ATOM   345 O  OP1   . DA  B 1 6  ? 7.377   3.891   -8.033  1.00 35.43 ? 18  DA  B OP1   1 
ATOM   346 O  OP2   . DA  B 1 6  ? 4.904   4.540   -7.685  1.00 31.36 ? 18  DA  B OP2   1 
ATOM   347 O  "O5'" . DA  B 1 6  ? 5.974   2.741   -6.325  1.00 28.74 ? 18  DA  B "O5'" 1 
ATOM   348 C  "C5'" . DA  B 1 6  ? 7.056   1.902   -5.897  1.00 26.86 ? 18  DA  B "C5'" 1 
ATOM   349 C  "C4'" . DA  B 1 6  ? 6.501   0.666   -5.221  1.00 22.67 ? 18  DA  B "C4'" 1 
ATOM   350 O  "O4'" . DA  B 1 6  ? 5.715   1.069   -4.067  1.00 22.07 ? 18  DA  B "O4'" 1 
ATOM   351 C  "C3'" . DA  B 1 6  ? 5.565   -0.185  -6.087  1.00 23.87 ? 18  DA  B "C3'" 1 
ATOM   352 O  "O3'" . DA  B 1 6  ? 6.134   -1.511  -6.142  1.00 25.51 ? 18  DA  B "O3'" 1 
ATOM   353 C  "C2'" . DA  B 1 6  ? 4.184   -0.064  -5.421  1.00 24.88 ? 18  DA  B "C2'" 1 
ATOM   354 C  "C1'" . DA  B 1 6  ? 4.512   0.309   -3.981  1.00 21.56 ? 18  DA  B "C1'" 1 
ATOM   355 N  N9    . DA  B 1 6  ? 3.529   1.117   -3.237  1.00 20.38 ? 18  DA  B N9    1 
ATOM   356 C  C8    . DA  B 1 6  ? 2.964   2.308   -3.611  1.00 18.67 ? 18  DA  B C8    1 
ATOM   357 N  N7    . DA  B 1 6  ? 2.143   2.816   -2.721  1.00 20.42 ? 18  DA  B N7    1 
ATOM   358 C  C5    . DA  B 1 6  ? 2.177   1.900   -1.678  1.00 17.02 ? 18  DA  B C5    1 
ATOM   359 C  C6    . DA  B 1 6  ? 1.511   1.854   -0.428  1.00 14.40 ? 18  DA  B C6    1 
ATOM   360 N  N6    . DA  B 1 6  ? 0.730   2.828   0.029   1.00 19.83 ? 18  DA  B N6    1 
ATOM   361 N  N1    . DA  B 1 6  ? 1.742   0.777   0.362   1.00 17.05 ? 18  DA  B N1    1 
ATOM   362 C  C2    . DA  B 1 6  ? 2.579   -0.169  -0.066  1.00 18.42 ? 18  DA  B C2    1 
ATOM   363 N  N3    . DA  B 1 6  ? 3.238   -0.251  -1.229  1.00 18.73 ? 18  DA  B N3    1 
ATOM   364 C  C4    . DA  B 1 6  ? 3.001   0.835   -1.989  1.00 17.48 ? 18  DA  B C4    1 
ATOM   365 P  P     . DT  B 1 7  ? 5.335   -2.626  -6.957  1.00 28.21 ? 19  DT  B P     1 
ATOM   366 O  OP1   . DT  B 1 7  ? 6.381   -3.551  -7.408  1.00 33.78 ? 19  DT  B OP1   1 
ATOM   367 O  OP2   . DT  B 1 7  ? 4.471   -1.960  -7.906  1.00 28.32 ? 19  DT  B OP2   1 
ATOM   368 O  "O5'" . DT  B 1 7  ? 4.444   -3.242  -5.793  1.00 24.63 ? 19  DT  B "O5'" 1 
ATOM   369 C  "C5'" . DT  B 1 7  ? 5.021   -3.826  -4.629  1.00 25.03 ? 19  DT  B "C5'" 1 
ATOM   370 C  "C4'" . DT  B 1 7  ? 3.875   -4.243  -3.738  1.00 22.05 ? 19  DT  B "C4'" 1 
ATOM   371 O  "O4'" . DT  B 1 7  ? 3.150   -3.082  -3.301  1.00 22.00 ? 19  DT  B "O4'" 1 
ATOM   372 C  "C3'" . DT  B 1 7  ? 2.824   -5.123  -4.424  1.00 20.91 ? 19  DT  B "C3'" 1 
ATOM   373 O  "O3'" . DT  B 1 7  ? 3.083   -6.390  -3.865  1.00 24.35 ? 19  DT  B "O3'" 1 
ATOM   374 C  "C2'" . DT  B 1 7  ? 1.476   -4.550  -4.008  1.00 21.24 ? 19  DT  B "C2'" 1 
ATOM   375 C  "C1'" . DT  B 1 7  ? 1.828   -3.516  -2.950  1.00 18.42 ? 19  DT  B "C1'" 1 
ATOM   376 N  N1    . DT  B 1 7  ? 0.963   -2.325  -2.883  1.00 18.67 ? 19  DT  B N1    1 
ATOM   377 C  C2    . DT  B 1 7  ? 0.231   -2.105  -1.729  1.00 16.55 ? 19  DT  B C2    1 
ATOM   378 O  O2    . DT  B 1 7  ? 0.221   -2.891  -0.796  1.00 19.96 ? 19  DT  B O2    1 
ATOM   379 N  N3    . DT  B 1 7  ? -0.455  -0.924  -1.701  1.00 16.33 ? 19  DT  B N3    1 
ATOM   380 C  C4    . DT  B 1 7  ? -0.520  0.040   -2.692  1.00 16.56 ? 19  DT  B C4    1 
ATOM   381 O  O4    . DT  B 1 7  ? -1.184  1.045   -2.516  1.00 19.95 ? 19  DT  B O4    1 
ATOM   382 C  C5    . DT  B 1 7  ? 0.255   -0.257  -3.888  1.00 16.67 ? 19  DT  B C5    1 
ATOM   383 C  C7    . DT  B 1 7  ? 0.193   0.690   -5.044  1.00 20.46 ? 19  DT  B C7    1 
ATOM   384 C  C6    . DT  B 1 7  ? 0.948   -1.408  -3.919  1.00 17.13 ? 19  DT  B C6    1 
ATOM   385 P  P     . DT  B 1 8  ? 2.198   -7.711  -4.222  1.00 24.80 ? 20  DT  B P     1 
ATOM   386 O  OP1   . DT  B 1 8  ? 3.066   -8.801  -3.774  1.00 29.18 ? 20  DT  B OP1   1 
ATOM   387 O  OP2   . DT  B 1 8  ? 1.704   -7.603  -5.602  1.00 26.39 ? 20  DT  B OP2   1 
ATOM   388 O  "O5'" . DT  B 1 8  ? 0.997   -7.586  -3.190  1.00 23.06 ? 20  DT  B "O5'" 1 
ATOM   389 C  "C5'" . DT  B 1 8  ? 1.221   -7.773  -1.776  1.00 21.47 ? 20  DT  B "C5'" 1 
ATOM   390 C  "C4'" . DT  B 1 8  ? -0.080  -7.509  -1.041  1.00 21.68 ? 20  DT  B "C4'" 1 
ATOM   391 O  "O4'" . DT  B 1 8  ? -0.549  -6.169  -1.260  1.00 20.83 ? 20  DT  B "O4'" 1 
ATOM   392 C  "C3'" . DT  B 1 8  ? -1.227  -8.420  -1.506  1.00 22.92 ? 20  DT  B "C3'" 1 
ATOM   393 O  "O3'" . DT  B 1 8  ? -1.545  -9.281  -0.446  1.00 26.92 ? 20  DT  B "O3'" 1 
ATOM   394 C  "C2'" . DT  B 1 8  ? -2.352  -7.465  -1.869  1.00 22.02 ? 20  DT  B "C2'" 1 
ATOM   395 C  "C1'" . DT  B 1 8  ? -1.971  -6.190  -1.150  1.00 21.09 ? 20  DT  B "C1'" 1 
ATOM   396 N  N1    . DT  B 1 8  ? -2.466  -4.976  -1.792  1.00 19.28 ? 20  DT  B N1    1 
ATOM   397 C  C2    . DT  B 1 8  ? -3.275  -4.108  -1.084  1.00 15.59 ? 20  DT  B C2    1 
ATOM   398 O  O2    . DT  B 1 8  ? -3.724  -4.358  0.024   1.00 19.20 ? 20  DT  B O2    1 
ATOM   399 N  N3    . DT  B 1 8  ? -3.541  -2.925  -1.728  1.00 16.37 ? 20  DT  B N3    1 
ATOM   400 C  C4    . DT  B 1 8  ? -3.147  -2.561  -3.005  1.00 17.17 ? 20  DT  B C4    1 
ATOM   401 O  O4    . DT  B 1 8  ? -3.468  -1.476  -3.457  1.00 18.85 ? 20  DT  B O4    1 
ATOM   402 C  C5    . DT  B 1 8  ? -2.345  -3.543  -3.710  1.00 18.19 ? 20  DT  B C5    1 
ATOM   403 C  C7    . DT  B 1 8  ? -1.882  -3.244  -5.098  1.00 22.72 ? 20  DT  B C7    1 
ATOM   404 C  C6    . DT  B 1 8  ? -2.041  -4.677  -3.072  1.00 18.37 ? 20  DT  B C6    1 
ATOM   405 P  P     . DC  B 1 9  ? -2.699  -10.370 -0.599  1.00 27.35 ? 21  DC  B P     1 
ATOM   406 O  OP1   . DC  B 1 9  ? -2.277  -11.335 0.331   1.00 28.98 ? 21  DC  B OP1   1 
ATOM   407 O  OP2   . DC  B 1 9  ? -3.059  -10.734 -1.930  1.00 30.45 ? 21  DC  B OP2   1 
ATOM   408 O  "O5'" . DC  B 1 9  ? -3.957  -9.599  -0.033  1.00 25.68 ? 21  DC  B "O5'" 1 
ATOM   409 C  "C5'" . DC  B 1 9  ? -3.933  -9.111  1.288   1.00 25.16 ? 21  DC  B "C5'" 1 
ATOM   410 C  "C4'" . DC  B 1 9  ? -5.267  -8.487  1.603   1.00 22.21 ? 21  DC  B "C4'" 1 
ATOM   411 O  "O4'" . DC  B 1 9  ? -5.408  -7.338  0.773   1.00 23.35 ? 21  DC  B "O4'" 1 
ATOM   412 C  "C3'" . DC  B 1 9  ? -6.463  -9.390  1.307   1.00 25.39 ? 21  DC  B "C3'" 1 
ATOM   413 O  "O3'" . DC  B 1 9  ? -7.189  -9.642  2.524   1.00 26.89 ? 21  DC  B "O3'" 1 
ATOM   414 C  "C2'" . DC  B 1 9  ? -7.199  -8.677  0.179   1.00 21.08 ? 21  DC  B "C2'" 1 
ATOM   415 C  "C1'" . DC  B 1 9  ? -6.723  -7.242  0.276   1.00 22.09 ? 21  DC  B "C1'" 1 
ATOM   416 N  N1    . DC  B 1 9  ? -6.633  -6.426  -0.949  1.00 20.35 ? 21  DC  B N1    1 
ATOM   417 C  C2    . DC  B 1 9  ? -7.097  -5.108  -0.944  1.00 18.78 ? 21  DC  B C2    1 
ATOM   418 O  O2    . DC  B 1 9  ? -7.777  -4.717  -0.001  1.00 21.98 ? 21  DC  B O2    1 
ATOM   419 N  N3    . DC  B 1 9  ? -6.895  -4.341  -2.025  1.00 19.34 ? 21  DC  B N3    1 
ATOM   420 C  C4    . DC  B 1 9  ? -6.179  -4.801  -3.044  1.00 18.30 ? 21  DC  B C4    1 
ATOM   421 N  N4    . DC  B 1 9  ? -5.965  -3.983  -4.065  1.00 18.37 ? 21  DC  B N4    1 
ATOM   422 C  C5    . DC  B 1 9  ? -5.627  -6.110  -3.045  1.00 17.22 ? 21  DC  B C5    1 
ATOM   423 C  C6    . DC  B 1 9  ? -5.866  -6.877  -1.983  1.00 19.38 ? 21  DC  B C6    1 
ATOM   424 P  P     . DG  B 1 10 ? -8.369  -10.679 2.672   1.00 27.08 ? 22  DG  B P     1 
ATOM   425 O  OP1   . DG  B 1 10 ? -8.546  -10.958 4.132   1.00 29.75 ? 22  DG  B OP1   1 
ATOM   426 O  OP2   . DG  B 1 10 ? -8.210  -11.782 1.760   1.00 28.11 ? 22  DG  B OP2   1 
ATOM   427 O  "O5'" . DG  B 1 10 ? -9.654  -9.865  2.137   1.00 26.51 ? 22  DG  B "O5'" 1 
ATOM   428 C  "C5'" . DG  B 1 10 ? -10.146 -8.699  2.811   1.00 24.23 ? 22  DG  B "C5'" 1 
ATOM   429 C  "C4'" . DG  B 1 10 ? -11.212 -8.025  1.970   1.00 22.62 ? 22  DG  B "C4'" 1 
ATOM   430 O  "O4'" . DG  B 1 10 ? -10.585 -7.387  0.818   1.00 21.57 ? 22  DG  B "O4'" 1 
ATOM   431 C  "C3'" . DG  B 1 10 ? -12.229 -8.993  1.379   1.00 24.66 ? 22  DG  B "C3'" 1 
ATOM   432 O  "O3'" . DG  B 1 10 ? -13.495 -8.344  1.488   1.00 24.96 ? 22  DG  B "O3'" 1 
ATOM   433 C  "C2'" . DG  B 1 10 ? -11.844 -9.083  -0.090  1.00 23.68 ? 22  DG  B "C2'" 1 
ATOM   434 C  "C1'" . DG  B 1 10 ? -11.402 -7.660  -0.305  1.00 19.98 ? 22  DG  B "C1'" 1 
ATOM   435 N  N9    . DG  B 1 10 ? -10.627 -7.356  -1.497  1.00 18.80 ? 22  DG  B N9    1 
ATOM   436 C  C8    . DG  B 1 10 ? -9.768  -8.182  -2.184  1.00 19.39 ? 22  DG  B C8    1 
ATOM   437 N  N7    . DG  B 1 10 ? -9.210  -7.599  -3.215  1.00 18.72 ? 22  DG  B N7    1 
ATOM   438 C  C5    . DG  B 1 10 ? -9.698  -6.300  -3.181  1.00 16.01 ? 22  DG  B C5    1 
ATOM   439 C  C6    . DG  B 1 10 ? -9.451  -5.206  -4.042  1.00 16.07 ? 22  DG  B C6    1 
ATOM   440 O  O6    . DG  B 1 10 ? -8.707  -5.168  -5.021  1.00 16.79 ? 22  DG  B O6    1 
ATOM   441 N  N1    . DG  B 1 10 ? -10.207 -4.087  -3.681  1.00 16.59 ? 22  DG  B N1    1 
ATOM   442 C  C2    . DG  B 1 10 ? -11.035 -4.013  -2.590  1.00 16.17 ? 22  DG  B C2    1 
ATOM   443 N  N2    . DG  B 1 10 ? -11.670 -2.841  -2.413  1.00 18.10 ? 22  DG  B N2    1 
ATOM   444 N  N3    . DG  B 1 10 ? -11.234 -5.015  -1.751  1.00 16.17 ? 22  DG  B N3    1 
ATOM   445 C  C4    . DG  B 1 10 ? -10.594 -6.139  -2.141  1.00 17.30 ? 22  DG  B C4    1 
ATOM   446 P  P     . DC  B 1 11 ? -14.761 -9.121  1.806   1.00 27.52 ? 23  DC  B P     1 
ATOM   447 O  OP1   . DC  B 1 11 ? -14.806 -9.431  3.189   1.00 35.65 ? 23  DC  B OP1   1 
ATOM   448 O  OP2   . DC  B 1 11 ? -14.963 -10.127 0.852   1.00 32.97 ? 23  DC  B OP2   1 
ATOM   449 O  "O5'" . DC  B 1 11 ? -15.904 -8.055  1.568   1.00 25.57 ? 23  DC  B "O5'" 1 
ATOM   450 C  "C5'" . DC  B 1 11 ? -15.936 -6.823  2.273   1.00 24.81 ? 23  DC  B "C5'" 1 
ATOM   451 C  "C4'" . DC  B 1 11 ? -16.288 -5.701  1.323   1.00 23.55 ? 23  DC  B "C4'" 1 
ATOM   452 O  "O4'" . DC  B 1 11 ? -15.179 -5.497  0.442   1.00 21.96 ? 23  DC  B "O4'" 1 
ATOM   453 C  "C3'" . DC  B 1 11 ? -17.451 -5.985  0.384   1.00 23.09 ? 23  DC  B "C3'" 1 
ATOM   454 O  "O3'" . DC  B 1 11 ? -18.695 -5.558  0.882   1.00 25.68 ? 23  DC  B "O3'" 1 
ATOM   455 C  "C2'" . DC  B 1 11 ? -17.146 -5.075  -0.783  1.00 27.12 ? 23  DC  B "C2'" 1 
ATOM   456 C  "C1'" . DC  B 1 11 ? -15.659 -5.028  -0.801  1.00 24.38 ? 23  DC  B "C1'" 1 
ATOM   457 N  N1    . DC  B 1 11 ? -14.980 -5.763  -1.857  1.00 19.72 ? 23  DC  B N1    1 
ATOM   458 C  C2    . DC  B 1 11 ? -14.559 -5.036  -2.952  1.00 17.58 ? 23  DC  B C2    1 
ATOM   459 O  O2    . DC  B 1 11 ? -14.877 -3.860  -3.024  1.00 19.18 ? 23  DC  B O2    1 
ATOM   460 N  N3    . DC  B 1 11 ? -13.816 -5.634  -3.901  1.00 17.55 ? 23  DC  B N3    1 
ATOM   461 C  C4    . DC  B 1 11 ? -13.512 -6.923  -3.789  1.00 15.88 ? 23  DC  B C4    1 
ATOM   462 N  N4    . DC  B 1 11 ? -12.770 -7.466  -4.733  1.00 17.01 ? 23  DC  B N4    1 
ATOM   463 C  C5    . DC  B 1 11 ? -13.946 -7.702  -2.684  1.00 17.50 ? 23  DC  B C5    1 
ATOM   464 C  C6    . DC  B 1 11 ? -14.660 -7.085  -1.743  1.00 18.75 ? 23  DC  B C6    1 
ATOM   465 P  P     . DG  B 1 12 ? -20.014 -6.046  0.176   1.00 26.93 ? 24  DG  B P     1 
ATOM   466 O  OP1   . DG  B 1 12 ? -20.913 -5.709  1.170   1.00 31.23 ? 24  DG  B OP1   1 
ATOM   467 O  OP2   . DG  B 1 12 ? -19.969 -7.346  -0.364  1.00 30.58 ? 24  DG  B OP2   1 
ATOM   468 O  "O5'" . DG  B 1 12 ? -20.291 -5.071  -1.051  1.00 24.22 ? 24  DG  B "O5'" 1 
ATOM   469 C  "C5'" . DG  B 1 12 ? -20.340 -3.662  -0.932  1.00 22.40 ? 24  DG  B "C5'" 1 
ATOM   470 C  "C4'" . DG  B 1 12 ? -20.170 -3.014  -2.289  1.00 21.92 ? 24  DG  B "C4'" 1 
ATOM   471 O  "O4'" . DG  B 1 12 ? -18.849 -3.222  -2.791  1.00 22.39 ? 24  DG  B "O4'" 1 
ATOM   472 C  "C3'" . DG  B 1 12 ? -21.073 -3.569  -3.366  1.00 24.31 ? 24  DG  B "C3'" 1 
ATOM   473 O  "O3'" . DG  B 1 12 ? -22.305 -2.877  -3.275  1.00 26.07 ? 24  DG  B "O3'" 1 
ATOM   474 C  "C2'" . DG  B 1 12 ? -20.330 -3.215  -4.631  1.00 25.14 ? 24  DG  B "C2'" 1 
ATOM   475 C  "C1'" . DG  B 1 12 ? -18.885 -3.348  -4.209  1.00 21.38 ? 24  DG  B "C1'" 1 
ATOM   476 N  N9    . DG  B 1 12 ? -18.220 -4.596  -4.556  1.00 19.26 ? 24  DG  B N9    1 
ATOM   477 C  C8    . DG  B 1 12 ? -18.290 -5.783  -3.877  1.00 18.31 ? 24  DG  B C8    1 
ATOM   478 N  N7    . DG  B 1 12 ? -17.532 -6.710  -4.388  1.00 18.92 ? 24  DG  B N7    1 
ATOM   479 C  C5    . DG  B 1 12 ? -16.912 -6.091  -5.457  1.00 15.65 ? 24  DG  B C5    1 
ATOM   480 C  C6    . DG  B 1 12 ? -15.958 -6.584  -6.369  1.00 15.92 ? 24  DG  B C6    1 
ATOM   481 O  O6    . DG  B 1 12 ? -15.488 -7.708  -6.443  1.00 18.29 ? 24  DG  B O6    1 
ATOM   482 N  N1    . DG  B 1 12 ? -15.572 -5.610  -7.276  1.00 16.32 ? 24  DG  B N1    1 
ATOM   483 C  C2    . DG  B 1 12 ? -16.049 -4.329  -7.307  1.00 16.44 ? 24  DG  B C2    1 
ATOM   484 N  N2    . DG  B 1 12 ? -15.585 -3.552  -8.281  1.00 16.79 ? 24  DG  B N2    1 
ATOM   485 N  N3    . DG  B 1 12 ? -16.924 -3.852  -6.452  1.00 15.66 ? 24  DG  B N3    1 
ATOM   486 C  C4    . DG  B 1 12 ? -17.325 -4.783  -5.571  1.00 15.32 ? 24  DG  B C4    1 
HETATM 487 MG MG    . MG  C 2 .  ? -7.858  -7.458  -8.356  1.00 19.11 ? 101 MG  A MG    1 
HETATM 488 N  NAU   . 3F6 D 3 .  ? -4.002  -6.175  4.714   1.00 26.67 ? 102 3F6 A NAU   1 
HETATM 489 C  CAQ   . 3F6 D 3 .  ? -5.347  -6.067  5.235   1.00 29.44 ? 102 3F6 A CAQ   1 
HETATM 490 C  CAM   . 3F6 D 3 .  ? -6.269  -5.791  4.204   1.00 28.88 ? 102 3F6 A CAM   1 
HETATM 491 C  CAO   . 3F6 D 3 .  ? -5.737  -4.721  3.329   1.00 28.95 ? 102 3F6 A CAO   1 
HETATM 492 N  NAS   . 3F6 D 3 .  ? -4.424  -5.012  2.792   1.00 27.52 ? 102 3F6 A NAS   1 
HETATM 493 C  CAY   . 3F6 D 3 .  ? -3.627  -5.730  3.533   1.00 26.00 ? 102 3F6 A CAY   1 
HETATM 494 C  CBA   . 3F6 D 3 .  ? -2.310  -6.016  3.140   1.00 29.44 ? 102 3F6 A CBA   1 
HETATM 495 C  CAI   . 3F6 D 3 .  ? -1.523  -5.137  2.437   1.00 26.32 ? 102 3F6 A CAI   1 
HETATM 496 C  CAE   . 3F6 D 3 .  ? -1.682  -7.202  3.473   1.00 27.37 ? 102 3F6 A CAE   1 
HETATM 497 C  CAG   . 3F6 D 3 .  ? -0.387  -7.450  3.074   1.00 29.74 ? 102 3F6 A CAG   1 
HETATM 498 C  CBG   . 3F6 D 3 .  ? 0.310   -6.538  2.387   1.00 25.88 ? 102 3F6 A CBG   1 
HETATM 499 C  CAK   . 3F6 D 3 .  ? 1.557   -6.502  1.874   1.00 27.07 ? 102 3F6 A CAK   1 
HETATM 500 C  CBI   . 3F6 D 3 .  ? -0.248  -5.413  2.092   1.00 24.21 ? 102 3F6 A CBI   1 
HETATM 501 N  NAW   . 3F6 D 3 .  ? 0.629   -4.703  1.417   1.00 29.89 ? 102 3F6 A NAW   1 
HETATM 502 C  CBE   . 3F6 D 3 .  ? 1.753   -5.338  1.253   1.00 27.75 ? 102 3F6 A CBE   1 
HETATM 503 C  CBC   . 3F6 D 3 .  ? 2.871   -4.853  0.629   1.00 29.06 ? 102 3F6 A CBC   1 
HETATM 504 C  CAB   . 3F6 D 3 .  ? 3.048   -3.521  0.453   1.00 32.37 ? 102 3F6 A CAB   1 
HETATM 505 C  CAD   . 3F6 D 3 .  ? 4.175   -2.993  -0.157  1.00 32.37 ? 102 3F6 A CAD   1 
HETATM 506 C  CAA   . 3F6 D 3 .  ? 3.926   -5.607  0.118   1.00 33.17 ? 102 3F6 A CAA   1 
HETATM 507 C  CAC   . 3F6 D 3 .  ? 5.080   -5.089  -0.503  1.00 33.81 ? 102 3F6 A CAC   1 
HETATM 508 C  CBD   . 3F6 D 3 .  ? 5.205   -3.729  -0.688  1.00 32.27 ? 102 3F6 A CBD   1 
HETATM 509 C  CBF   . 3F6 D 3 .  ? 6.264   -3.098  -1.235  1.00 32.19 ? 102 3F6 A CBF   1 
HETATM 510 C  CAL   . 3F6 D 3 .  ? 7.176   -3.518  -2.093  1.00 28.07 ? 102 3F6 A CAL   1 
HETATM 511 N  NAX   . 3F6 D 3 .  ? 6.548   -1.863  -0.941  1.00 29.70 ? 102 3F6 A NAX   1 
HETATM 512 C  CBJ   . 3F6 D 3 .  ? 7.622   -1.469  -1.613  1.00 31.83 ? 102 3F6 A CBJ   1 
HETATM 513 C  CAJ   . 3F6 D 3 .  ? 8.305   -0.294  -1.623  1.00 35.46 ? 102 3F6 A CAJ   1 
HETATM 514 C  CBH   . 3F6 D 3 .  ? 8.013   -2.490  -2.334  1.00 29.60 ? 102 3F6 A CBH   1 
HETATM 515 C  CAH   . 3F6 D 3 .  ? 9.111   -2.356  -3.059  1.00 34.05 ? 102 3F6 A CAH   1 
HETATM 516 C  CAF   . 3F6 D 3 .  ? 9.857   -1.161  -3.136  1.00 33.91 ? 102 3F6 A CAF   1 
HETATM 517 C  CBB   . 3F6 D 3 .  ? 9.474   -0.073  -2.356  1.00 35.98 ? 102 3F6 A CBB   1 
HETATM 518 C  CAZ   . 3F6 D 3 .  ? 10.130  1.188   -2.314  1.00 38.82 ? 102 3F6 A CAZ   1 
HETATM 519 N  NAT   . 3F6 D 3 .  ? 10.657  1.695   -1.199  1.00 34.34 ? 102 3F6 A NAT   1 
HETATM 520 C  CAP   . 3F6 D 3 .  ? 11.296  3.077   -1.057  1.00 26.82 ? 102 3F6 A CAP   1 
HETATM 521 C  CAN   . 3F6 D 3 .  ? 11.349  3.711   -2.346  1.00 38.79 ? 102 3F6 A CAN   1 
HETATM 522 C  CAR   . 3F6 D 3 .  ? 11.409  2.613   -3.462  1.00 43.77 ? 102 3F6 A CAR   1 
HETATM 523 N  NAV   . 3F6 D 3 .  ? 10.143  1.915   -3.390  1.00 38.18 ? 102 3F6 A NAV   1 
HETATM 524 O  O     . HOH E 4 .  ? 19.963  12.318  -2.654  1.00 30.68 ? 201 HOH A O     1 
HETATM 525 O  O     . HOH E 4 .  ? -13.161 -1.544  -17.628 1.00 31.65 ? 202 HOH A O     1 
HETATM 526 O  O     . HOH E 4 .  ? -9.628  -7.497  -7.375  1.00 18.35 ? 203 HOH A O     1 
HETATM 527 O  O     . HOH E 4 .  ? 3.555   -2.654  8.855   1.00 29.47 ? 204 HOH A O     1 
HETATM 528 O  O     . HOH E 4 .  ? -5.535  -3.729  11.576  1.00 20.15 ? 205 HOH A O     1 
HETATM 529 O  O     . HOH E 4 .  ? -4.621  0.372   10.323  1.00 18.78 ? 206 HOH A O     1 
HETATM 530 O  O     . HOH E 4 .  ? -7.452  -0.580  10.306  1.00 19.13 ? 207 HOH A O     1 
HETATM 531 O  O     . HOH E 4 .  ? -11.117 1.521   10.118  1.00 26.88 ? 208 HOH A O     1 
HETATM 532 O  O     . HOH E 4 .  ? -11.038 -1.152  7.351   1.00 28.04 ? 209 HOH A O     1 
HETATM 533 O  O     . HOH E 4 .  ? -6.768  2.375   10.440  1.00 19.59 ? 210 HOH A O     1 
HETATM 534 O  O     . HOH E 4 .  ? -8.465  -5.799  -9.428  1.00 19.67 ? 211 HOH A O     1 
HETATM 535 O  O     . HOH E 4 .  ? -8.247  -2.211  -12.041 1.00 23.82 ? 212 HOH A O     1 
HETATM 536 O  O     . HOH E 4 .  ? -0.812  -0.439  8.561   1.00 22.14 ? 213 HOH A O     1 
HETATM 537 O  O     . HOH E 4 .  ? 14.491  -2.922  3.241   1.00 37.36 ? 214 HOH A O     1 
HETATM 538 O  O     . HOH E 4 .  ? -10.818 -9.935  -7.215  1.00 23.50 ? 215 HOH A O     1 
HETATM 539 O  O     . HOH E 4 .  ? -14.182 -9.919  -10.841 1.00 25.63 ? 216 HOH A O     1 
HETATM 540 O  O     . HOH E 4 .  ? -13.162 -9.919  -14.384 1.00 26.65 ? 217 HOH A O     1 
HETATM 541 O  O     . HOH E 4 .  ? -3.305  2.516   9.190   1.00 26.12 ? 218 HOH A O     1 
HETATM 542 O  O     . HOH E 4 .  ? -4.286  5.131   5.752   1.00 35.97 ? 219 HOH A O     1 
HETATM 543 O  O     . HOH E 4 .  ? -3.934  -3.916  -8.597  1.00 28.84 ? 220 HOH A O     1 
HETATM 544 O  O     . HOH E 4 .  ? 6.548   0.359   7.721   1.00 25.35 ? 221 HOH A O     1 
HETATM 545 O  O     . HOH E 4 .  ? -7.971  -3.227  10.362  1.00 24.49 ? 222 HOH A O     1 
HETATM 546 O  O     . HOH E 4 .  ? -4.909  2.658   6.959   1.00 24.36 ? 223 HOH A O     1 
HETATM 547 O  O     . HOH E 4 .  ? -8.434  -2.364  3.335   1.00 26.68 ? 224 HOH A O     1 
HETATM 548 O  O     . HOH E 4 .  ? 2.182   3.951   5.939   1.00 28.75 ? 225 HOH A O     1 
HETATM 549 O  O     . HOH E 4 .  ? 5.889   -2.174  7.581   1.00 28.28 ? 226 HOH A O     1 
HETATM 550 O  O     . HOH E 4 .  ? -8.107  -4.715  7.959   1.00 34.87 ? 227 HOH A O     1 
HETATM 551 O  O     . HOH E 4 .  ? -5.081  4.509   -1.177  1.00 37.64 ? 228 HOH A O     1 
HETATM 552 O  O     . HOH E 4 .  ? -3.695  4.534   2.972   1.00 31.09 ? 229 HOH A O     1 
HETATM 553 O  O     . HOH E 4 .  ? -5.515  -2.080  -7.909  1.00 30.07 ? 230 HOH A O     1 
HETATM 554 O  O     . HOH F 4 .  ? -8.973  -11.575 -0.732  1.00 33.19 ? 101 HOH B O     1 
HETATM 555 O  O     . HOH F 4 .  ? -7.137  -6.433  -6.756  1.00 19.92 ? 102 HOH B O     1 
HETATM 556 O  O     . HOH F 4 .  ? 8.996   14.550  9.449   1.00 22.39 ? 103 HOH B O     1 
HETATM 557 O  O     . HOH F 4 .  ? -7.517  -9.248  -4.574  1.00 23.08 ? 104 HOH B O     1 
HETATM 558 O  O     . HOH F 4 .  ? -0.842  -6.534  -5.902  1.00 31.08 ? 105 HOH B O     1 
HETATM 559 O  O     . HOH F 4 .  ? -9.464  -4.816  2.361   1.00 30.11 ? 106 HOH B O     1 
HETATM 560 O  O     . HOH F 4 .  ? -4.681  -5.362  -6.315  1.00 21.37 ? 107 HOH B O     1 
HETATM 561 O  O     . HOH F 4 .  ? -4.742  -9.100  -3.954  1.00 27.25 ? 108 HOH B O     1 
HETATM 562 O  O     . HOH F 4 .  ? 5.985   17.024  9.192   1.00 34.72 ? 109 HOH B O     1 
HETATM 563 O  O     . HOH F 4 .  ? -12.029 -10.395 -4.142  1.00 29.12 ? 110 HOH B O     1 
HETATM 564 O  O     . HOH F 4 .  ? 11.367  2.975   9.350   1.00 30.58 ? 111 HOH B O     1 
HETATM 565 O  O     . HOH F 4 .  ? 1.401   -2.097  -7.157  1.00 33.37 ? 112 HOH B O     1 
HETATM 566 O  O     . HOH F 4 .  ? 2.682   3.199   -6.769  1.00 34.02 ? 113 HOH B O     1 
HETATM 567 O  O     . HOH F 4 .  ? 0.629   5.202   -3.303  1.00 36.78 ? 114 HOH B O     1 
HETATM 568 O  O     . HOH F 4 .  ? -0.291  5.308   -0.785  1.00 34.99 ? 115 HOH B O     1 
HETATM 569 O  O     . HOH F 4 .  ? 1.488   6.849   0.509   1.00 40.03 ? 116 HOH B O     1 
HETATM 570 O  O     . HOH F 4 .  ? 1.370   6.454   3.052   1.00 35.78 ? 117 HOH B O     1 
# 
loop_
_pdbx_poly_seq_scheme.asym_id 
_pdbx_poly_seq_scheme.entity_id 
_pdbx_poly_seq_scheme.seq_id 
_pdbx_poly_seq_scheme.mon_id 
_pdbx_poly_seq_scheme.ndb_seq_num 
_pdbx_poly_seq_scheme.pdb_seq_num 
_pdbx_poly_seq_scheme.auth_seq_num 
_pdbx_poly_seq_scheme.pdb_mon_id 
_pdbx_poly_seq_scheme.auth_mon_id 
_pdbx_poly_seq_scheme.pdb_strand_id 
_pdbx_poly_seq_scheme.pdb_ins_code 
_pdbx_poly_seq_scheme.hetero 
A 1 1  DC 1  1  1  DC DC A . n 
A 1 2  DG 2  2  2  DG DG A . n 
A 1 3  DC 3  3  3  DC DC A . n 
A 1 4  DG 4  4  4  DG DG A . n 
A 1 5  DA 5  5  5  DA DA A . n 
A 1 6  DA 6  6  6  DA DA A . n 
A 1 7  DT 7  7  7  DT DT A . n 
A 1 8  DT 8  8  8  DT DT A . n 
A 1 9  DC 9  9  9  DC DC A . n 
A 1 10 DG 10 10 10 DG DG A . n 
A 1 11 DC 11 11 11 DC DC A . n 
A 1 12 DG 12 12 12 DG DG A . n 
B 1 1  DC 1  13 13 DC DC B . n 
B 1 2  DG 2  14 14 DG DG B . n 
B 1 3  DC 3  15 15 DC DC B . n 
B 1 4  DG 4  16 16 DG DG B . n 
B 1 5  DA 5  17 17 DA DA B . n 
B 1 6  DA 6  18 18 DA DA B . n 
B 1 7  DT 7  19 19 DT DT B . n 
B 1 8  DT 8  20 20 DT DT B . n 
B 1 9  DC 9  21 21 DC DC B . n 
B 1 10 DG 10 22 22 DG DG B . n 
B 1 11 DC 11 23 23 DC DC B . n 
B 1 12 DG 12 24 24 DG DG B . n 
# 
loop_
_pdbx_nonpoly_scheme.asym_id 
_pdbx_nonpoly_scheme.entity_id 
_pdbx_nonpoly_scheme.mon_id 
_pdbx_nonpoly_scheme.ndb_seq_num 
_pdbx_nonpoly_scheme.pdb_seq_num 
_pdbx_nonpoly_scheme.auth_seq_num 
_pdbx_nonpoly_scheme.pdb_mon_id 
_pdbx_nonpoly_scheme.auth_mon_id 
_pdbx_nonpoly_scheme.pdb_strand_id 
_pdbx_nonpoly_scheme.pdb_ins_code 
C 2 MG  1  101 1  MG  MG  A . 
D 3 3F6 1  102 1  3F6 DRG A . 
E 4 HOH 1  201 45 HOH HOH A . 
E 4 HOH 2  202 19 HOH HOH A . 
E 4 HOH 3  203 53 HOH HOH A . 
E 4 HOH 4  204 8  HOH HOH A . 
E 4 HOH 5  205 3  HOH HOH A . 
E 4 HOH 6  206 56 HOH HOH A . 
E 4 HOH 7  207 51 HOH HOH A . 
E 4 HOH 8  208 47 HOH HOH A . 
E 4 HOH 9  209 28 HOH HOH A . 
E 4 HOH 10 210 54 HOH HOH A . 
E 4 HOH 11 211 55 HOH HOH A . 
E 4 HOH 12 212 20 HOH HOH A . 
E 4 HOH 13 213 1  HOH HOH A . 
E 4 HOH 14 214 43 HOH HOH A . 
E 4 HOH 15 215 15 HOH HOH A . 
E 4 HOH 16 216 60 HOH HOH A . 
E 4 HOH 17 217 17 HOH HOH A . 
E 4 HOH 18 218 22 HOH HOH A . 
E 4 HOH 19 219 50 HOH HOH A . 
E 4 HOH 20 220 12 HOH HOH A . 
E 4 HOH 21 221 5  HOH HOH A . 
E 4 HOH 22 222 7  HOH HOH A . 
E 4 HOH 23 223 16 HOH HOH A . 
E 4 HOH 24 224 29 HOH HOH A . 
E 4 HOH 25 225 41 HOH HOH A . 
E 4 HOH 26 226 44 HOH HOH A . 
E 4 HOH 27 227 46 HOH HOH A . 
E 4 HOH 28 228 48 HOH HOH A . 
E 4 HOH 29 229 49 HOH HOH A . 
E 4 HOH 30 230 58 HOH HOH A . 
F 4 HOH 1  101 31 HOH HOH B . 
F 4 HOH 2  102 52 HOH HOH B . 
F 4 HOH 3  103 2  HOH HOH B . 
F 4 HOH 4  104 14 HOH HOH B . 
F 4 HOH 5  105 34 HOH HOH B . 
F 4 HOH 6  106 30 HOH HOH B . 
F 4 HOH 7  107 6  HOH HOH B . 
F 4 HOH 8  108 33 HOH HOH B . 
F 4 HOH 9  109 40 HOH HOH B . 
F 4 HOH 10 110 11 HOH HOH B . 
F 4 HOH 11 111 18 HOH HOH B . 
F 4 HOH 12 112 35 HOH HOH B . 
F 4 HOH 13 113 36 HOH HOH B . 
F 4 HOH 14 114 37 HOH HOH B . 
F 4 HOH 15 115 38 HOH HOH B . 
F 4 HOH 16 116 39 HOH HOH B . 
F 4 HOH 17 117 59 HOH HOH B . 
# 
_pdbx_struct_assembly.id                   1 
_pdbx_struct_assembly.details              author_and_software_defined_assembly 
_pdbx_struct_assembly.method_details       PISA 
_pdbx_struct_assembly.oligomeric_details   dimeric 
_pdbx_struct_assembly.oligomeric_count     2 
# 
_pdbx_struct_assembly_gen.assembly_id       1 
_pdbx_struct_assembly_gen.oper_expression   1 
_pdbx_struct_assembly_gen.asym_id_list      A,B,C,D,E,F 
# 
loop_
_pdbx_struct_assembly_prop.biol_id 
_pdbx_struct_assembly_prop.type 
_pdbx_struct_assembly_prop.value 
_pdbx_struct_assembly_prop.details 
1 'ABSA (A^2)' 1530 ? 
1 MORE         -5   ? 
1 'SSA (A^2)'  4390 ? 
# 
_pdbx_struct_oper_list.id                   1 
_pdbx_struct_oper_list.type                 'identity operation' 
_pdbx_struct_oper_list.name                 1_555 
_pdbx_struct_oper_list.symmetry_operation   x,y,z 
_pdbx_struct_oper_list.matrix[1][1]         1.0000000000 
_pdbx_struct_oper_list.matrix[1][2]         0.0000000000 
_pdbx_struct_oper_list.matrix[1][3]         0.0000000000 
_pdbx_struct_oper_list.vector[1]            0.0000000000 
_pdbx_struct_oper_list.matrix[2][1]         0.0000000000 
_pdbx_struct_oper_list.matrix[2][2]         1.0000000000 
_pdbx_struct_oper_list.matrix[2][3]         0.0000000000 
_pdbx_struct_oper_list.vector[2]            0.0000000000 
_pdbx_struct_oper_list.matrix[3][1]         0.0000000000 
_pdbx_struct_oper_list.matrix[3][2]         0.0000000000 
_pdbx_struct_oper_list.matrix[3][3]         1.0000000000 
_pdbx_struct_oper_list.vector[3]            0.0000000000 
# 
loop_
_pdbx_struct_conn_angle.id 
_pdbx_struct_conn_angle.ptnr1_label_atom_id 
_pdbx_struct_conn_angle.ptnr1_label_alt_id 
_pdbx_struct_conn_angle.ptnr1_label_asym_id 
_pdbx_struct_conn_angle.ptnr1_label_comp_id 
_pdbx_struct_conn_angle.ptnr1_label_seq_id 
_pdbx_struct_conn_angle.ptnr1_auth_atom_id 
_pdbx_struct_conn_angle.ptnr1_auth_asym_id 
_pdbx_struct_conn_angle.ptnr1_auth_comp_id 
_pdbx_struct_conn_angle.ptnr1_auth_seq_id 
_pdbx_struct_conn_angle.ptnr1_PDB_ins_code 
_pdbx_struct_conn_angle.ptnr1_symmetry 
_pdbx_struct_conn_angle.ptnr2_label_atom_id 
_pdbx_struct_conn_angle.ptnr2_label_alt_id 
_pdbx_struct_conn_angle.ptnr2_label_asym_id 
_pdbx_struct_conn_angle.ptnr2_label_comp_id 
_pdbx_struct_conn_angle.ptnr2_label_seq_id 
_pdbx_struct_conn_angle.ptnr2_auth_atom_id 
_pdbx_struct_conn_angle.ptnr2_auth_asym_id 
_pdbx_struct_conn_angle.ptnr2_auth_comp_id 
_pdbx_struct_conn_angle.ptnr2_auth_seq_id 
_pdbx_struct_conn_angle.ptnr2_PDB_ins_code 
_pdbx_struct_conn_angle.ptnr2_symmetry 
_pdbx_struct_conn_angle.ptnr3_label_atom_id 
_pdbx_struct_conn_angle.ptnr3_label_alt_id 
_pdbx_struct_conn_angle.ptnr3_label_asym_id 
_pdbx_struct_conn_angle.ptnr3_label_comp_id 
_pdbx_struct_conn_angle.ptnr3_label_seq_id 
_pdbx_struct_conn_angle.ptnr3_auth_atom_id 
_pdbx_struct_conn_angle.ptnr3_auth_asym_id 
_pdbx_struct_conn_angle.ptnr3_auth_comp_id 
_pdbx_struct_conn_angle.ptnr3_auth_seq_id 
_pdbx_struct_conn_angle.ptnr3_PDB_ins_code 
_pdbx_struct_conn_angle.ptnr3_symmetry 
_pdbx_struct_conn_angle.value 
_pdbx_struct_conn_angle.value_esd 
1  O ? E HOH . ? A HOH 203 ? 1_555 MG ? C MG . ? A MG 101 ? 1_555 O ? E HOH . ? A HOH 206 ? 3_655 93.5  ? 
2  O ? E HOH . ? A HOH 203 ? 1_555 MG ? C MG . ? A MG 101 ? 1_555 O ? E HOH . ? A HOH 207 ? 3_655 173.3 ? 
3  O ? E HOH . ? A HOH 206 ? 3_655 MG ? C MG . ? A MG 101 ? 1_555 O ? E HOH . ? A HOH 207 ? 3_655 93.1  ? 
4  O ? E HOH . ? A HOH 203 ? 1_555 MG ? C MG . ? A MG 101 ? 1_555 O ? E HOH . ? A HOH 210 ? 3_655 88.1  ? 
5  O ? E HOH . ? A HOH 206 ? 3_655 MG ? C MG . ? A MG 101 ? 1_555 O ? E HOH . ? A HOH 210 ? 3_655 87.7  ? 
6  O ? E HOH . ? A HOH 207 ? 3_655 MG ? C MG . ? A MG 101 ? 1_555 O ? E HOH . ? A HOH 210 ? 3_655 91.6  ? 
7  O ? E HOH . ? A HOH 203 ? 1_555 MG ? C MG . ? A MG 101 ? 1_555 O ? E HOH . ? A HOH 211 ? 1_555 90.6  ? 
8  O ? E HOH . ? A HOH 206 ? 3_655 MG ? C MG . ? A MG 101 ? 1_555 O ? E HOH . ? A HOH 211 ? 1_555 87.6  ? 
9  O ? E HOH . ? A HOH 207 ? 3_655 MG ? C MG . ? A MG 101 ? 1_555 O ? E HOH . ? A HOH 211 ? 1_555 90.3  ? 
10 O ? E HOH . ? A HOH 210 ? 3_655 MG ? C MG . ? A MG 101 ? 1_555 O ? E HOH . ? A HOH 211 ? 1_555 175.0 ? 
11 O ? E HOH . ? A HOH 203 ? 1_555 MG ? C MG . ? A MG 101 ? 1_555 O ? F HOH . ? B HOH 102 ? 1_555 86.5  ? 
12 O ? E HOH . ? A HOH 206 ? 3_655 MG ? C MG . ? A MG 101 ? 1_555 O ? F HOH . ? B HOH 102 ? 1_555 176.2 ? 
13 O ? E HOH . ? A HOH 207 ? 3_655 MG ? C MG . ? A MG 101 ? 1_555 O ? F HOH . ? B HOH 102 ? 1_555 86.8  ? 
14 O ? E HOH . ? A HOH 210 ? 3_655 MG ? C MG . ? A MG 101 ? 1_555 O ? F HOH . ? B HOH 102 ? 1_555 88.5  ? 
15 O ? E HOH . ? A HOH 211 ? 1_555 MG ? C MG . ? A MG 101 ? 1_555 O ? F HOH . ? B HOH 102 ? 1_555 96.2  ? 
# 
loop_
_pdbx_audit_revision_history.ordinal 
_pdbx_audit_revision_history.data_content_type 
_pdbx_audit_revision_history.major_revision 
_pdbx_audit_revision_history.minor_revision 
_pdbx_audit_revision_history.revision_date 
1 'Structure model' 1 0 2015-02-04 
2 'Structure model' 1 1 2015-02-25 
3 'Structure model' 1 2 2017-09-13 
4 'Structure model' 1 3 2019-12-25 
5 'Structure model' 1 4 2023-09-27 
# 
_pdbx_audit_revision_details.ordinal             1 
_pdbx_audit_revision_details.revision_ordinal    1 
_pdbx_audit_revision_details.data_content_type   'Structure model' 
_pdbx_audit_revision_details.provider            repository 
_pdbx_audit_revision_details.type                'Initial release' 
_pdbx_audit_revision_details.description         ? 
_pdbx_audit_revision_details.details             ? 
# 
loop_
_pdbx_audit_revision_group.ordinal 
_pdbx_audit_revision_group.revision_ordinal 
_pdbx_audit_revision_group.data_content_type 
_pdbx_audit_revision_group.group 
1  2 'Structure model' 'Database references'        
2  3 'Structure model' 'Author supporting evidence' 
3  3 'Structure model' 'Database references'        
4  3 'Structure model' 'Derived calculations'       
5  3 'Structure model' Other                        
6  3 'Structure model' 'Source and taxonomy'        
7  3 'Structure model' 'Structure summary'          
8  4 'Structure model' 'Author supporting evidence' 
9  5 'Structure model' 'Data collection'            
10 5 'Structure model' 'Database references'        
11 5 'Structure model' 'Derived calculations'       
12 5 'Structure model' 'Refinement description'     
# 
loop_
_pdbx_audit_revision_category.ordinal 
_pdbx_audit_revision_category.revision_ordinal 
_pdbx_audit_revision_category.data_content_type 
_pdbx_audit_revision_category.category 
1  3 'Structure model' citation                      
2  3 'Structure model' pdbx_audit_support            
3  3 'Structure model' pdbx_database_status          
4  3 'Structure model' pdbx_entity_src_syn           
5  3 'Structure model' pdbx_struct_assembly          
6  3 'Structure model' pdbx_struct_assembly_gen      
7  3 'Structure model' pdbx_struct_assembly_prop     
8  3 'Structure model' pdbx_struct_oper_list         
9  3 'Structure model' struct_keywords               
10 4 'Structure model' pdbx_audit_support            
11 5 'Structure model' chem_comp_atom                
12 5 'Structure model' chem_comp_bond                
13 5 'Structure model' database_2                    
14 5 'Structure model' pdbx_initial_refinement_model 
15 5 'Structure model' pdbx_struct_conn_angle        
16 5 'Structure model' refine_hist                   
17 5 'Structure model' struct_conn                   
# 
loop_
_pdbx_audit_revision_item.ordinal 
_pdbx_audit_revision_item.revision_ordinal 
_pdbx_audit_revision_item.data_content_type 
_pdbx_audit_revision_item.item 
1  3 'Structure model' '_citation.journal_id_CSD'                    
2  3 'Structure model' '_pdbx_audit_support.funding_organization'    
3  3 'Structure model' '_pdbx_database_status.pdb_format_compatible' 
4  3 'Structure model' '_pdbx_entity_src_syn.pdbx_alt_source_flag'   
5  3 'Structure model' '_pdbx_struct_assembly.oligomeric_details'    
6  3 'Structure model' '_pdbx_struct_assembly_gen.asym_id_list'      
7  3 'Structure model' '_pdbx_struct_assembly_prop.type'             
8  3 'Structure model' '_pdbx_struct_assembly_prop.value'            
9  3 'Structure model' '_pdbx_struct_oper_list.symmetry_operation'   
10 3 'Structure model' '_struct_keywords.text'                       
11 4 'Structure model' '_pdbx_audit_support.funding_organization'    
12 5 'Structure model' '_database_2.pdbx_DOI'                        
13 5 'Structure model' '_database_2.pdbx_database_accession'         
14 5 'Structure model' '_pdbx_struct_conn_angle.ptnr1_auth_asym_id'  
15 5 'Structure model' '_pdbx_struct_conn_angle.ptnr1_auth_seq_id'   
16 5 'Structure model' '_pdbx_struct_conn_angle.ptnr1_label_asym_id' 
17 5 'Structure model' '_pdbx_struct_conn_angle.ptnr1_symmetry'      
18 5 'Structure model' '_pdbx_struct_conn_angle.ptnr3_auth_asym_id'  
19 5 'Structure model' '_pdbx_struct_conn_angle.ptnr3_auth_seq_id'   
20 5 'Structure model' '_pdbx_struct_conn_angle.ptnr3_label_asym_id' 
21 5 'Structure model' '_pdbx_struct_conn_angle.ptnr3_symmetry'      
22 5 'Structure model' '_pdbx_struct_conn_angle.value'               
23 5 'Structure model' '_refine_hist.pdbx_number_atoms_nucleic_acid' 
24 5 'Structure model' '_refine_hist.pdbx_number_atoms_protein'      
25 5 'Structure model' '_struct_conn.pdbx_dist_value'                
26 5 'Structure model' '_struct_conn.ptnr2_auth_asym_id'             
27 5 'Structure model' '_struct_conn.ptnr2_auth_seq_id'              
28 5 'Structure model' '_struct_conn.ptnr2_label_asym_id'            
29 5 'Structure model' '_struct_conn.ptnr2_symmetry'                 
# 
loop_
_software.citation_id 
_software.classification 
_software.compiler_name 
_software.compiler_version 
_software.contact_author 
_software.contact_author_email 
_software.date 
_software.description 
_software.dependencies 
_software.hardware 
_software.language 
_software.location 
_software.mods 
_software.name 
_software.os 
_software.os_version 
_software.type 
_software.version 
_software.pdbx_ordinal 
? 'data reduction'  ? ? ? ? ? ? ? ? ? ? ? HKL-3000    ? ? ? .        1 
? refinement        ? ? ? ? ? ? ? ? ? ? ? REFMAC      ? ? ? 5.6.0117 2 
? 'data extraction' ? ? ? ? ? ? ? ? ? ? ? PDB_EXTRACT ? ? ? 3.14     3 
# 
loop_
_pdbx_validate_rmsd_bond.id 
_pdbx_validate_rmsd_bond.PDB_model_num 
_pdbx_validate_rmsd_bond.auth_atom_id_1 
_pdbx_validate_rmsd_bond.auth_asym_id_1 
_pdbx_validate_rmsd_bond.auth_comp_id_1 
_pdbx_validate_rmsd_bond.auth_seq_id_1 
_pdbx_validate_rmsd_bond.PDB_ins_code_1 
_pdbx_validate_rmsd_bond.label_alt_id_1 
_pdbx_validate_rmsd_bond.auth_atom_id_2 
_pdbx_validate_rmsd_bond.auth_asym_id_2 
_pdbx_validate_rmsd_bond.auth_comp_id_2 
_pdbx_validate_rmsd_bond.auth_seq_id_2 
_pdbx_validate_rmsd_bond.PDB_ins_code_2 
_pdbx_validate_rmsd_bond.label_alt_id_2 
_pdbx_validate_rmsd_bond.bond_value 
_pdbx_validate_rmsd_bond.bond_target_value 
_pdbx_validate_rmsd_bond.bond_deviation 
_pdbx_validate_rmsd_bond.bond_standard_deviation 
_pdbx_validate_rmsd_bond.linker_flag 
1 1 "O3'" B DG 22 ? ? P   B DC 23 ? ? 1.519 1.607 -0.088 0.012 Y 
2 1 P     B DG 24 ? ? OP1 B DG 24 ? ? 1.383 1.485 -0.102 0.017 N 
# 
loop_
_pdbx_validate_rmsd_angle.id 
_pdbx_validate_rmsd_angle.PDB_model_num 
_pdbx_validate_rmsd_angle.auth_atom_id_1 
_pdbx_validate_rmsd_angle.auth_asym_id_1 
_pdbx_validate_rmsd_angle.auth_comp_id_1 
_pdbx_validate_rmsd_angle.auth_seq_id_1 
_pdbx_validate_rmsd_angle.PDB_ins_code_1 
_pdbx_validate_rmsd_angle.label_alt_id_1 
_pdbx_validate_rmsd_angle.auth_atom_id_2 
_pdbx_validate_rmsd_angle.auth_asym_id_2 
_pdbx_validate_rmsd_angle.auth_comp_id_2 
_pdbx_validate_rmsd_angle.auth_seq_id_2 
_pdbx_validate_rmsd_angle.PDB_ins_code_2 
_pdbx_validate_rmsd_angle.label_alt_id_2 
_pdbx_validate_rmsd_angle.auth_atom_id_3 
_pdbx_validate_rmsd_angle.auth_asym_id_3 
_pdbx_validate_rmsd_angle.auth_comp_id_3 
_pdbx_validate_rmsd_angle.auth_seq_id_3 
_pdbx_validate_rmsd_angle.PDB_ins_code_3 
_pdbx_validate_rmsd_angle.label_alt_id_3 
_pdbx_validate_rmsd_angle.angle_value 
_pdbx_validate_rmsd_angle.angle_target_value 
_pdbx_validate_rmsd_angle.angle_deviation 
_pdbx_validate_rmsd_angle.angle_standard_deviation 
_pdbx_validate_rmsd_angle.linker_flag 
1 1 "C3'" A DC 9  ? ? "O3'" A DC 9  ? ? P   A DG 10 ? ? 127.69 119.70 7.99  1.20 Y 
2 1 "C3'" A DG 10 ? ? "O3'" A DG 10 ? ? P   A DC 11 ? ? 127.44 119.70 7.74  1.20 Y 
3 1 "O5'" A DC 11 ? ? P     A DC 11 ? ? OP2 A DC 11 ? ? 119.24 110.70 8.54  1.20 N 
4 1 "C3'" B DG 16 ? ? "O3'" B DG 16 ? ? P   B DA 17 ? ? 130.30 119.70 10.60 1.20 Y 
# 
loop_
_chem_comp_atom.comp_id 
_chem_comp_atom.atom_id 
_chem_comp_atom.type_symbol 
_chem_comp_atom.pdbx_aromatic_flag 
_chem_comp_atom.pdbx_stereo_config 
_chem_comp_atom.pdbx_ordinal 
3F6 NAU    N  N N 1   
3F6 CAQ    C  N N 2   
3F6 CAM    C  N N 3   
3F6 CAO    C  N N 4   
3F6 NAS    N  N N 5   
3F6 CAY    C  N N 6   
3F6 CBA    C  Y N 7   
3F6 CAI    C  Y N 8   
3F6 CAE    C  Y N 9   
3F6 CAG    C  Y N 10  
3F6 CBG    C  Y N 11  
3F6 CAK    C  Y N 12  
3F6 CBI    C  Y N 13  
3F6 NAW    N  Y N 14  
3F6 CBE    C  Y N 15  
3F6 CBC    C  Y N 16  
3F6 CAB    C  Y N 17  
3F6 CAD    C  Y N 18  
3F6 CAA    C  Y N 19  
3F6 CAC    C  Y N 20  
3F6 CBD    C  Y N 21  
3F6 CBF    C  Y N 22  
3F6 CAL    C  Y N 23  
3F6 NAX    N  Y N 24  
3F6 CBJ    C  Y N 25  
3F6 CAJ    C  Y N 26  
3F6 CBH    C  Y N 27  
3F6 CAH    C  Y N 28  
3F6 CAF    C  Y N 29  
3F6 CBB    C  Y N 30  
3F6 CAZ    C  N N 31  
3F6 NAT    N  N N 32  
3F6 CAP    C  N N 33  
3F6 CAN    C  N N 34  
3F6 CAR    C  N N 35  
3F6 NAV    N  N N 36  
3F6 H1     H  N N 37  
3F6 H2     H  N N 38  
3F6 H3     H  N N 39  
3F6 H4     H  N N 40  
3F6 H5     H  N N 41  
3F6 H6     H  N N 42  
3F6 H7     H  N N 43  
3F6 H8     H  N N 44  
3F6 H9     H  N N 45  
3F6 H10    H  N N 46  
3F6 H11    H  N N 47  
3F6 H12    H  N N 48  
3F6 H13    H  N N 49  
3F6 H14    H  N N 50  
3F6 H15    H  N N 51  
3F6 H16    H  N N 52  
3F6 H17    H  N N 53  
3F6 H18    H  N N 54  
3F6 H19    H  N N 55  
3F6 H20    H  N N 56  
3F6 H21    H  N N 57  
3F6 H22    H  N N 58  
3F6 H23    H  N N 59  
3F6 H24    H  N N 60  
3F6 H25    H  N N 61  
3F6 H26    H  N N 62  
3F6 H27    H  N N 63  
3F6 H28    H  N N 64  
DA  OP3    O  N N 65  
DA  P      P  N N 66  
DA  OP1    O  N N 67  
DA  OP2    O  N N 68  
DA  "O5'"  O  N N 69  
DA  "C5'"  C  N N 70  
DA  "C4'"  C  N R 71  
DA  "O4'"  O  N N 72  
DA  "C3'"  C  N S 73  
DA  "O3'"  O  N N 74  
DA  "C2'"  C  N N 75  
DA  "C1'"  C  N R 76  
DA  N9     N  Y N 77  
DA  C8     C  Y N 78  
DA  N7     N  Y N 79  
DA  C5     C  Y N 80  
DA  C6     C  Y N 81  
DA  N6     N  N N 82  
DA  N1     N  Y N 83  
DA  C2     C  Y N 84  
DA  N3     N  Y N 85  
DA  C4     C  Y N 86  
DA  HOP3   H  N N 87  
DA  HOP2   H  N N 88  
DA  "H5'"  H  N N 89  
DA  "H5''" H  N N 90  
DA  "H4'"  H  N N 91  
DA  "H3'"  H  N N 92  
DA  "HO3'" H  N N 93  
DA  "H2'"  H  N N 94  
DA  "H2''" H  N N 95  
DA  "H1'"  H  N N 96  
DA  H8     H  N N 97  
DA  H61    H  N N 98  
DA  H62    H  N N 99  
DA  H2     H  N N 100 
DC  OP3    O  N N 101 
DC  P      P  N N 102 
DC  OP1    O  N N 103 
DC  OP2    O  N N 104 
DC  "O5'"  O  N N 105 
DC  "C5'"  C  N N 106 
DC  "C4'"  C  N R 107 
DC  "O4'"  O  N N 108 
DC  "C3'"  C  N S 109 
DC  "O3'"  O  N N 110 
DC  "C2'"  C  N N 111 
DC  "C1'"  C  N R 112 
DC  N1     N  N N 113 
DC  C2     C  N N 114 
DC  O2     O  N N 115 
DC  N3     N  N N 116 
DC  C4     C  N N 117 
DC  N4     N  N N 118 
DC  C5     C  N N 119 
DC  C6     C  N N 120 
DC  HOP3   H  N N 121 
DC  HOP2   H  N N 122 
DC  "H5'"  H  N N 123 
DC  "H5''" H  N N 124 
DC  "H4'"  H  N N 125 
DC  "H3'"  H  N N 126 
DC  "HO3'" H  N N 127 
DC  "H2'"  H  N N 128 
DC  "H2''" H  N N 129 
DC  "H1'"  H  N N 130 
DC  H41    H  N N 131 
DC  H42    H  N N 132 
DC  H5     H  N N 133 
DC  H6     H  N N 134 
DG  OP3    O  N N 135 
DG  P      P  N N 136 
DG  OP1    O  N N 137 
DG  OP2    O  N N 138 
DG  "O5'"  O  N N 139 
DG  "C5'"  C  N N 140 
DG  "C4'"  C  N R 141 
DG  "O4'"  O  N N 142 
DG  "C3'"  C  N S 143 
DG  "O3'"  O  N N 144 
DG  "C2'"  C  N N 145 
DG  "C1'"  C  N R 146 
DG  N9     N  Y N 147 
DG  C8     C  Y N 148 
DG  N7     N  Y N 149 
DG  C5     C  Y N 150 
DG  C6     C  N N 151 
DG  O6     O  N N 152 
DG  N1     N  N N 153 
DG  C2     C  N N 154 
DG  N2     N  N N 155 
DG  N3     N  N N 156 
DG  C4     C  Y N 157 
DG  HOP3   H  N N 158 
DG  HOP2   H  N N 159 
DG  "H5'"  H  N N 160 
DG  "H5''" H  N N 161 
DG  "H4'"  H  N N 162 
DG  "H3'"  H  N N 163 
DG  "HO3'" H  N N 164 
DG  "H2'"  H  N N 165 
DG  "H2''" H  N N 166 
DG  "H1'"  H  N N 167 
DG  H8     H  N N 168 
DG  H1     H  N N 169 
DG  H21    H  N N 170 
DG  H22    H  N N 171 
DT  OP3    O  N N 172 
DT  P      P  N N 173 
DT  OP1    O  N N 174 
DT  OP2    O  N N 175 
DT  "O5'"  O  N N 176 
DT  "C5'"  C  N N 177 
DT  "C4'"  C  N R 178 
DT  "O4'"  O  N N 179 
DT  "C3'"  C  N S 180 
DT  "O3'"  O  N N 181 
DT  "C2'"  C  N N 182 
DT  "C1'"  C  N R 183 
DT  N1     N  N N 184 
DT  C2     C  N N 185 
DT  O2     O  N N 186 
DT  N3     N  N N 187 
DT  C4     C  N N 188 
DT  O4     O  N N 189 
DT  C5     C  N N 190 
DT  C7     C  N N 191 
DT  C6     C  N N 192 
DT  HOP3   H  N N 193 
DT  HOP2   H  N N 194 
DT  "H5'"  H  N N 195 
DT  "H5''" H  N N 196 
DT  "H4'"  H  N N 197 
DT  "H3'"  H  N N 198 
DT  "HO3'" H  N N 199 
DT  "H2'"  H  N N 200 
DT  "H2''" H  N N 201 
DT  "H1'"  H  N N 202 
DT  H3     H  N N 203 
DT  H71    H  N N 204 
DT  H72    H  N N 205 
DT  H73    H  N N 206 
DT  H6     H  N N 207 
HOH O      O  N N 208 
HOH H1     H  N N 209 
HOH H2     H  N N 210 
MG  MG     MG N N 211 
# 
loop_
_chem_comp_bond.comp_id 
_chem_comp_bond.atom_id_1 
_chem_comp_bond.atom_id_2 
_chem_comp_bond.value_order 
_chem_comp_bond.pdbx_aromatic_flag 
_chem_comp_bond.pdbx_stereo_config 
_chem_comp_bond.pdbx_ordinal 
3F6 CAM   CAO    sing N N 1   
3F6 CAM   CAQ    sing N N 2   
3F6 CAO   NAS    sing N N 3   
3F6 CAQ   NAU    sing N N 4   
3F6 NAS   CAY    doub N N 5   
3F6 NAU   CAY    sing N N 6   
3F6 CAY   CBA    sing N N 7   
3F6 CBA   CAE    doub Y N 8   
3F6 CBA   CAI    sing Y N 9   
3F6 CAE   CAG    sing Y N 10  
3F6 CAI   CBI    doub Y N 11  
3F6 CAG   CBG    doub Y N 12  
3F6 CBI   CBG    sing Y N 13  
3F6 CBI   NAW    sing Y N 14  
3F6 CBG   CAK    sing Y N 15  
3F6 NAW   CBE    sing Y N 16  
3F6 CAK   CBE    doub Y N 17  
3F6 CBE   CBC    sing N N 18  
3F6 CBC   CAB    doub Y N 19  
3F6 CBC   CAA    sing Y N 20  
3F6 CAB   CAD    sing Y N 21  
3F6 CAA   CAC    doub Y N 22  
3F6 CAD   CBD    doub Y N 23  
3F6 CAC   CBD    sing Y N 24  
3F6 CBD   CBF    sing N N 25  
3F6 CBF   CAL    doub Y N 26  
3F6 CBF   NAX    sing Y N 27  
3F6 CAL   CBH    sing Y N 28  
3F6 NAX   CBJ    sing Y N 29  
3F6 CBH   CBJ    doub Y N 30  
3F6 CBH   CAH    sing Y N 31  
3F6 CBJ   CAJ    sing Y N 32  
3F6 CAH   CAF    doub Y N 33  
3F6 CAJ   CBB    doub Y N 34  
3F6 CAF   CBB    sing Y N 35  
3F6 CBB   CAZ    sing N N 36  
3F6 CAZ   NAV    sing N N 37  
3F6 CAZ   NAT    doub N N 38  
3F6 NAV   CAR    sing N N 39  
3F6 NAT   CAP    sing N N 40  
3F6 CAR   CAN    sing N N 41  
3F6 CAP   CAN    sing N N 42  
3F6 NAU   H1     sing N N 43  
3F6 CAQ   H2     sing N N 44  
3F6 CAQ   H3     sing N N 45  
3F6 CAM   H4     sing N N 46  
3F6 CAM   H5     sing N N 47  
3F6 CAO   H6     sing N N 48  
3F6 CAO   H7     sing N N 49  
3F6 CAI   H8     sing N N 50  
3F6 CAE   H9     sing N N 51  
3F6 CAG   H10    sing N N 52  
3F6 CAK   H11    sing N N 53  
3F6 NAW   H12    sing N N 54  
3F6 CAB   H13    sing N N 55  
3F6 CAD   H14    sing N N 56  
3F6 CAA   H15    sing N N 57  
3F6 CAC   H16    sing N N 58  
3F6 CAL   H17    sing N N 59  
3F6 NAX   H18    sing N N 60  
3F6 CAJ   H19    sing N N 61  
3F6 CAH   H20    sing N N 62  
3F6 CAF   H21    sing N N 63  
3F6 CAP   H22    sing N N 64  
3F6 CAP   H23    sing N N 65  
3F6 CAN   H24    sing N N 66  
3F6 CAN   H25    sing N N 67  
3F6 CAR   H26    sing N N 68  
3F6 CAR   H27    sing N N 69  
3F6 NAV   H28    sing N N 70  
DA  OP3   P      sing N N 71  
DA  OP3   HOP3   sing N N 72  
DA  P     OP1    doub N N 73  
DA  P     OP2    sing N N 74  
DA  P     "O5'"  sing N N 75  
DA  OP2   HOP2   sing N N 76  
DA  "O5'" "C5'"  sing N N 77  
DA  "C5'" "C4'"  sing N N 78  
DA  "C5'" "H5'"  sing N N 79  
DA  "C5'" "H5''" sing N N 80  
DA  "C4'" "O4'"  sing N N 81  
DA  "C4'" "C3'"  sing N N 82  
DA  "C4'" "H4'"  sing N N 83  
DA  "O4'" "C1'"  sing N N 84  
DA  "C3'" "O3'"  sing N N 85  
DA  "C3'" "C2'"  sing N N 86  
DA  "C3'" "H3'"  sing N N 87  
DA  "O3'" "HO3'" sing N N 88  
DA  "C2'" "C1'"  sing N N 89  
DA  "C2'" "H2'"  sing N N 90  
DA  "C2'" "H2''" sing N N 91  
DA  "C1'" N9     sing N N 92  
DA  "C1'" "H1'"  sing N N 93  
DA  N9    C8     sing Y N 94  
DA  N9    C4     sing Y N 95  
DA  C8    N7     doub Y N 96  
DA  C8    H8     sing N N 97  
DA  N7    C5     sing Y N 98  
DA  C5    C6     sing Y N 99  
DA  C5    C4     doub Y N 100 
DA  C6    N6     sing N N 101 
DA  C6    N1     doub Y N 102 
DA  N6    H61    sing N N 103 
DA  N6    H62    sing N N 104 
DA  N1    C2     sing Y N 105 
DA  C2    N3     doub Y N 106 
DA  C2    H2     sing N N 107 
DA  N3    C4     sing Y N 108 
DC  OP3   P      sing N N 109 
DC  OP3   HOP3   sing N N 110 
DC  P     OP1    doub N N 111 
DC  P     OP2    sing N N 112 
DC  P     "O5'"  sing N N 113 
DC  OP2   HOP2   sing N N 114 
DC  "O5'" "C5'"  sing N N 115 
DC  "C5'" "C4'"  sing N N 116 
DC  "C5'" "H5'"  sing N N 117 
DC  "C5'" "H5''" sing N N 118 
DC  "C4'" "O4'"  sing N N 119 
DC  "C4'" "C3'"  sing N N 120 
DC  "C4'" "H4'"  sing N N 121 
DC  "O4'" "C1'"  sing N N 122 
DC  "C3'" "O3'"  sing N N 123 
DC  "C3'" "C2'"  sing N N 124 
DC  "C3'" "H3'"  sing N N 125 
DC  "O3'" "HO3'" sing N N 126 
DC  "C2'" "C1'"  sing N N 127 
DC  "C2'" "H2'"  sing N N 128 
DC  "C2'" "H2''" sing N N 129 
DC  "C1'" N1     sing N N 130 
DC  "C1'" "H1'"  sing N N 131 
DC  N1    C2     sing N N 132 
DC  N1    C6     sing N N 133 
DC  C2    O2     doub N N 134 
DC  C2    N3     sing N N 135 
DC  N3    C4     doub N N 136 
DC  C4    N4     sing N N 137 
DC  C4    C5     sing N N 138 
DC  N4    H41    sing N N 139 
DC  N4    H42    sing N N 140 
DC  C5    C6     doub N N 141 
DC  C5    H5     sing N N 142 
DC  C6    H6     sing N N 143 
DG  OP3   P      sing N N 144 
DG  OP3   HOP3   sing N N 145 
DG  P     OP1    doub N N 146 
DG  P     OP2    sing N N 147 
DG  P     "O5'"  sing N N 148 
DG  OP2   HOP2   sing N N 149 
DG  "O5'" "C5'"  sing N N 150 
DG  "C5'" "C4'"  sing N N 151 
DG  "C5'" "H5'"  sing N N 152 
DG  "C5'" "H5''" sing N N 153 
DG  "C4'" "O4'"  sing N N 154 
DG  "C4'" "C3'"  sing N N 155 
DG  "C4'" "H4'"  sing N N 156 
DG  "O4'" "C1'"  sing N N 157 
DG  "C3'" "O3'"  sing N N 158 
DG  "C3'" "C2'"  sing N N 159 
DG  "C3'" "H3'"  sing N N 160 
DG  "O3'" "HO3'" sing N N 161 
DG  "C2'" "C1'"  sing N N 162 
DG  "C2'" "H2'"  sing N N 163 
DG  "C2'" "H2''" sing N N 164 
DG  "C1'" N9     sing N N 165 
DG  "C1'" "H1'"  sing N N 166 
DG  N9    C8     sing Y N 167 
DG  N9    C4     sing Y N 168 
DG  C8    N7     doub Y N 169 
DG  C8    H8     sing N N 170 
DG  N7    C5     sing Y N 171 
DG  C5    C6     sing N N 172 
DG  C5    C4     doub Y N 173 
DG  C6    O6     doub N N 174 
DG  C6    N1     sing N N 175 
DG  N1    C2     sing N N 176 
DG  N1    H1     sing N N 177 
DG  C2    N2     sing N N 178 
DG  C2    N3     doub N N 179 
DG  N2    H21    sing N N 180 
DG  N2    H22    sing N N 181 
DG  N3    C4     sing N N 182 
DT  OP3   P      sing N N 183 
DT  OP3   HOP3   sing N N 184 
DT  P     OP1    doub N N 185 
DT  P     OP2    sing N N 186 
DT  P     "O5'"  sing N N 187 
DT  OP2   HOP2   sing N N 188 
DT  "O5'" "C5'"  sing N N 189 
DT  "C5'" "C4'"  sing N N 190 
DT  "C5'" "H5'"  sing N N 191 
DT  "C5'" "H5''" sing N N 192 
DT  "C4'" "O4'"  sing N N 193 
DT  "C4'" "C3'"  sing N N 194 
DT  "C4'" "H4'"  sing N N 195 
DT  "O4'" "C1'"  sing N N 196 
DT  "C3'" "O3'"  sing N N 197 
DT  "C3'" "C2'"  sing N N 198 
DT  "C3'" "H3'"  sing N N 199 
DT  "O3'" "HO3'" sing N N 200 
DT  "C2'" "C1'"  sing N N 201 
DT  "C2'" "H2'"  sing N N 202 
DT  "C2'" "H2''" sing N N 203 
DT  "C1'" N1     sing N N 204 
DT  "C1'" "H1'"  sing N N 205 
DT  N1    C2     sing N N 206 
DT  N1    C6     sing N N 207 
DT  C2    O2     doub N N 208 
DT  C2    N3     sing N N 209 
DT  N3    C4     sing N N 210 
DT  N3    H3     sing N N 211 
DT  C4    O4     doub N N 212 
DT  C4    C5     sing N N 213 
DT  C5    C7     sing N N 214 
DT  C5    C6     doub N N 215 
DT  C7    H71    sing N N 216 
DT  C7    H72    sing N N 217 
DT  C7    H73    sing N N 218 
DT  C6    H6     sing N N 219 
HOH O     H1     sing N N 220 
HOH O     H2     sing N N 221 
# 
loop_
_ndb_struct_conf_na.entry_id 
_ndb_struct_conf_na.feature 
4U8C 'double helix'        
4U8C 'b-form double helix' 
# 
loop_
_ndb_struct_na_base_pair.model_number 
_ndb_struct_na_base_pair.i_label_asym_id 
_ndb_struct_na_base_pair.i_label_comp_id 
_ndb_struct_na_base_pair.i_label_seq_id 
_ndb_struct_na_base_pair.i_symmetry 
_ndb_struct_na_base_pair.j_label_asym_id 
_ndb_struct_na_base_pair.j_label_comp_id 
_ndb_struct_na_base_pair.j_label_seq_id 
_ndb_struct_na_base_pair.j_symmetry 
_ndb_struct_na_base_pair.shear 
_ndb_struct_na_base_pair.stretch 
_ndb_struct_na_base_pair.stagger 
_ndb_struct_na_base_pair.buckle 
_ndb_struct_na_base_pair.propeller 
_ndb_struct_na_base_pair.opening 
_ndb_struct_na_base_pair.pair_number 
_ndb_struct_na_base_pair.pair_name 
_ndb_struct_na_base_pair.i_auth_asym_id 
_ndb_struct_na_base_pair.i_auth_seq_id 
_ndb_struct_na_base_pair.i_PDB_ins_code 
_ndb_struct_na_base_pair.j_auth_asym_id 
_ndb_struct_na_base_pair.j_auth_seq_id 
_ndb_struct_na_base_pair.j_PDB_ins_code 
_ndb_struct_na_base_pair.hbond_type_28 
_ndb_struct_na_base_pair.hbond_type_12 
1 A DC 1  1_555 B DG 12 1_555 0.195  -0.154 0.098  1.522  -16.353 1.184  1  A_DC1:DG24_B  A 1  ? B 24 ? 19 1 
1 A DG 2  1_555 B DC 11 1_555 -0.198 -0.185 0.305  4.836  -9.080  -1.767 2  A_DG2:DC23_B  A 2  ? B 23 ? 19 1 
1 A DC 3  1_555 B DG 10 1_555 0.182  -0.137 0.124  -1.595 -8.223  -1.212 3  A_DC3:DG22_B  A 3  ? B 22 ? 19 1 
1 A DG 4  1_555 B DC 9  1_555 -0.301 -0.049 -0.058 10.161 -8.809  -1.146 4  A_DG4:DC21_B  A 4  ? B 21 ? 19 1 
1 A DA 5  1_555 B DT 8  1_555 0.055  -0.110 -0.002 9.100  -16.103 1.255  5  A_DA5:DT20_B  A 5  ? B 20 ? 20 1 
1 A DA 6  1_555 B DT 7  1_555 0.134  -0.122 0.061  3.897  -16.989 5.860  6  A_DA6:DT19_B  A 6  ? B 19 ? 20 1 
1 A DT 7  1_555 B DA 6  1_555 0.006  -0.137 0.064  -1.806 -18.900 6.560  7  A_DT7:DA18_B  A 7  ? B 18 ? 20 1 
1 A DT 8  1_555 B DA 5  1_555 -0.050 -0.292 -0.045 -4.930 -15.345 4.088  8  A_DT8:DA17_B  A 8  ? B 17 ? 20 1 
1 A DC 9  1_555 B DG 4  1_555 0.159  -0.194 -0.105 -8.610 -7.440  -1.289 9  A_DC9:DG16_B  A 9  ? B 16 ? 19 1 
1 A DG 10 1_555 B DC 3  1_555 -0.128 -0.162 0.114  9.316  -4.258  1.673  10 A_DG10:DC15_B A 10 ? B 15 ? 19 1 
1 A DC 11 1_555 B DG 2  1_555 0.170  -0.240 0.497  0.054  -21.646 -1.588 11 A_DC11:DG14_B A 11 ? B 14 ? 19 1 
1 A DG 12 1_555 B DC 1  1_555 -0.543 -0.117 -0.136 8.777  16.929  -1.559 12 A_DG12:DC13_B A 12 ? B 13 ? 19 1 
# 
loop_
_ndb_struct_na_base_pair_step.model_number 
_ndb_struct_na_base_pair_step.i_label_asym_id_1 
_ndb_struct_na_base_pair_step.i_label_comp_id_1 
_ndb_struct_na_base_pair_step.i_label_seq_id_1 
_ndb_struct_na_base_pair_step.i_symmetry_1 
_ndb_struct_na_base_pair_step.j_label_asym_id_1 
_ndb_struct_na_base_pair_step.j_label_comp_id_1 
_ndb_struct_na_base_pair_step.j_label_seq_id_1 
_ndb_struct_na_base_pair_step.j_symmetry_1 
_ndb_struct_na_base_pair_step.i_label_asym_id_2 
_ndb_struct_na_base_pair_step.i_label_comp_id_2 
_ndb_struct_na_base_pair_step.i_label_seq_id_2 
_ndb_struct_na_base_pair_step.i_symmetry_2 
_ndb_struct_na_base_pair_step.j_label_asym_id_2 
_ndb_struct_na_base_pair_step.j_label_comp_id_2 
_ndb_struct_na_base_pair_step.j_label_seq_id_2 
_ndb_struct_na_base_pair_step.j_symmetry_2 
_ndb_struct_na_base_pair_step.shift 
_ndb_struct_na_base_pair_step.slide 
_ndb_struct_na_base_pair_step.rise 
_ndb_struct_na_base_pair_step.tilt 
_ndb_struct_na_base_pair_step.roll 
_ndb_struct_na_base_pair_step.twist 
_ndb_struct_na_base_pair_step.x_displacement 
_ndb_struct_na_base_pair_step.y_displacement 
_ndb_struct_na_base_pair_step.helical_rise 
_ndb_struct_na_base_pair_step.inclination 
_ndb_struct_na_base_pair_step.tip 
_ndb_struct_na_base_pair_step.helical_twist 
_ndb_struct_na_base_pair_step.step_number 
_ndb_struct_na_base_pair_step.step_name 
_ndb_struct_na_base_pair_step.i_auth_asym_id_1 
_ndb_struct_na_base_pair_step.i_auth_seq_id_1 
_ndb_struct_na_base_pair_step.i_PDB_ins_code_1 
_ndb_struct_na_base_pair_step.j_auth_asym_id_1 
_ndb_struct_na_base_pair_step.j_auth_seq_id_1 
_ndb_struct_na_base_pair_step.j_PDB_ins_code_1 
_ndb_struct_na_base_pair_step.i_auth_asym_id_2 
_ndb_struct_na_base_pair_step.i_auth_seq_id_2 
_ndb_struct_na_base_pair_step.i_PDB_ins_code_2 
_ndb_struct_na_base_pair_step.j_auth_asym_id_2 
_ndb_struct_na_base_pair_step.j_auth_seq_id_2 
_ndb_struct_na_base_pair_step.j_PDB_ins_code_2 
1 A DC 1  1_555 B DG 12 1_555 A DG 2  1_555 B DC 11 1_555 -0.389 0.096  3.181 -2.976 8.253   33.914 -1.062 0.206  3.140 13.862  
4.999   34.998 1  AA_DC1DG2:DC23DG24_BB   A 1  ? B 24 ? A 2  ? B 23 ? 
1 A DG 2  1_555 B DC 11 1_555 A DC 3  1_555 B DG 10 1_555 0.624  0.575  3.494 2.729  -5.556  41.133 1.436  -0.572 3.424 -7.854  
-3.858  41.576 2  AA_DG2DC3:DG22DC23_BB   A 2  ? B 23 ? A 3  ? B 22 ? 
1 A DC 3  1_555 B DG 10 1_555 A DG 4  1_555 B DC 9  1_555 -0.391 0.751  3.136 2.812  9.213   25.990 -0.646 1.494  3.153 19.647  
-5.997  27.689 3  AA_DC3DG4:DC21DG22_BB   A 3  ? B 22 ? A 4  ? B 21 ? 
1 A DG 4  1_555 B DC 9  1_555 A DA 5  1_555 B DT 8  1_555 0.100  0.201  3.295 -0.308 3.794   38.476 -0.167 -0.189 3.298 5.740   
0.466   38.657 4  AA_DG4DA5:DT20DC21_BB   A 4  ? B 21 ? A 5  ? B 20 ? 
1 A DA 5  1_555 B DT 8  1_555 A DA 6  1_555 B DT 7  1_555 0.361  -0.370 3.310 -0.498 2.749   35.992 -0.989 -0.654 3.268 4.440   
0.805   36.097 5  AA_DA5DA6:DT19DT20_BB   A 5  ? B 20 ? A 6  ? B 19 ? 
1 A DA 6  1_555 B DT 7  1_555 A DT 7  1_555 B DA 6  1_555 0.138  -0.684 3.339 0.515  0.637   31.465 -1.383 -0.157 3.326 1.173   
-0.950  31.476 6  AA_DA6DT7:DA18DT19_BB   A 6  ? B 19 ? A 7  ? B 18 ? 
1 A DT 7  1_555 B DA 6  1_555 A DT 8  1_555 B DA 5  1_555 -0.244 -0.310 3.293 2.376  0.900   35.541 -0.638 0.746  3.262 1.473   
-3.886  35.629 7  AA_DT7DT8:DA17DA18_BB   A 7  ? B 18 ? A 8  ? B 17 ? 
1 A DT 8  1_555 B DA 5  1_555 A DC 9  1_555 B DG 4  1_555 -0.101 0.154  3.420 2.255  -0.845  41.232 0.313  0.395  3.406 -1.199  
-3.199  41.299 8  AA_DT8DC9:DG16DA17_BB   A 8  ? B 17 ? A 9  ? B 16 ? 
1 A DC 9  1_555 B DG 4  1_555 A DG 10 1_555 B DC 3  1_555 0.390  1.095  3.054 -2.960 8.040   25.599 0.338  -1.575 3.180 17.530  
6.453   26.972 9  AA_DC9DG10:DC15DG16_BB  A 9  ? B 16 ? A 10 ? B 15 ? 
1 A DG 10 1_555 B DC 3  1_555 A DC 11 1_555 B DG 2  1_555 -1.098 0.913  3.658 -6.519 -14.030 45.507 2.352  0.780  3.371 -17.549 
8.155   47.932 10 AA_DG10DC11:DG14DC15_BB A 10 ? B 15 ? A 11 ? B 14 ? 
1 A DC 11 1_555 B DG 2  1_555 A DG 12 1_555 B DC 1  1_555 1.379  0.605  3.444 6.286  -11.722 33.268 2.784  -1.282 3.253 -19.531 
-10.473 35.758 11 AA_DC11DG12:DC13DG14_BB A 11 ? B 14 ? A 12 ? B 13 ? 
# 
_pdbx_audit_support.funding_organization   
'National Institutes of Health/National Institute of General Medical Sciences (NIH/NIGMS)' 
_pdbx_audit_support.country                'United States' 
_pdbx_audit_support.grant_number           GM065307 
_pdbx_audit_support.ordinal                1 
# 
loop_
_pdbx_entity_nonpoly.entity_id 
_pdbx_entity_nonpoly.name 
_pdbx_entity_nonpoly.comp_id 
2 'MAGNESIUM ION'                                                            MG  
3 "2,2'-benzene-1,4-diylbis[6-(1,4,5,6-tetrahydropyrimidin-2-yl)-1H-indole]" 3F6 
4 water                                                                      HOH 
# 
_pdbx_initial_refinement_model.id               1 
_pdbx_initial_refinement_model.entity_id_list   ? 
_pdbx_initial_refinement_model.type             'experimental model' 
_pdbx_initial_refinement_model.source_name      PDB 
_pdbx_initial_refinement_model.accession_code   436D 
_pdbx_initial_refinement_model.details          ? 
# 
